data_5N7T
#
_entry.id   5N7T
#
_cell.length_a   69.730
_cell.length_b   53.110
_cell.length_c   136.490
_cell.angle_alpha   90.00
_cell.angle_beta   103.81
_cell.angle_gamma   90.00
#
_symmetry.space_group_name_H-M   'P 1 21 1'
#
loop_
_entity.id
_entity.type
_entity.pdbx_description
1 polymer 'Kynurenine 3-monooxygenase'
2 non-polymer 'FLAVIN-ADENINE DINUCLEOTIDE'
3 non-polymer 'CHLORIDE ION'
4 non-polymer '3-(5,6-DICHLORO-2-OXOBENZO[D]OXAZOL-3(2H)-YL)PROPANOIC ACID'
5 non-polymer GLYCEROL
6 water water
#
_entity_poly.entity_id   1
_entity_poly.type   'polypeptide(L)'
_entity_poly.pdbx_seq_one_letter_code
;MTATDNARQVTIIGAGLAGTLVARLLARNGWQVNLFERRPDPRIETGARGRSINLALAERGAHALRLAGLEREVLAEAVM
MRGRMVHVPGTPPNLQPYGRDDSEVIWSINRDRLNRILLDGAEAAGASIHFNLGLDSVDFARQRLTLSNVSGERLEKRFH
LLIGADGCNSAVRQAMASVVDLGEHLETQPHGYKELQITPEASAQFNLEPNALHIWPHGDYMCIALPNLDRSFTVTLFLH
HQSPAAQPASPSFAQLVDGHAARRFFQRQFPDLSPMLDSLEQDFEHHPTGKLATLRLTTWHVGGQAVLLGDAAHPMVPFH
GQGMNCALEDAVALAEHLQSAADNASALAAFTAQRQPDALAIQAMALENYVEMSSKVASPTYLLERELGQIMAQRQPTRF
IPRYSMVTFSRLPYAQAMARGQIQEQLLKFAVANHSDLTSINLDAVEHEVTRCLPPLSHLS
;
_entity_poly.pdbx_strand_id   A,B
#
loop_
_chem_comp.id
_chem_comp.type
_chem_comp.name
_chem_comp.formula
CL non-polymer 'CHLORIDE ION' 'Cl -1'
FAD non-polymer 'FLAVIN-ADENINE DINUCLEOTIDE' 'C27 H33 N9 O15 P2'
GOL non-polymer GLYCEROL 'C3 H8 O3'
JHY non-polymer '3-(5,6-DICHLORO-2-OXOBENZO[D]OXAZOL-3(2H)-YL)PROPANOIC ACID' 'C10 H7 Cl2 N O4'
#
# COMPACT_ATOMS: atom_id res chain seq x y z
N ALA A 7 -40.09 18.73 25.33
CA ALA A 7 -38.63 18.71 25.26
C ALA A 7 -38.04 17.36 25.66
N ARG A 8 -37.18 16.80 24.80
CA ARG A 8 -36.51 15.52 25.02
C ARG A 8 -35.55 15.64 26.21
N GLN A 9 -35.48 14.60 27.04
CA GLN A 9 -34.66 14.64 28.27
C GLN A 9 -33.41 13.77 28.14
N VAL A 10 -32.33 14.20 28.77
CA VAL A 10 -31.07 13.46 28.75
C VAL A 10 -30.30 13.68 30.06
N THR A 11 -29.65 12.61 30.53
CA THR A 11 -28.77 12.64 31.71
C THR A 11 -27.38 12.30 31.19
N ILE A 12 -26.42 13.14 31.49
CA ILE A 12 -25.03 12.93 31.07
C ILE A 12 -24.14 12.70 32.31
N ILE A 13 -23.31 11.68 32.27
CA ILE A 13 -22.39 11.41 33.36
C ILE A 13 -21.00 11.81 32.91
N GLY A 14 -20.43 12.77 33.61
CA GLY A 14 -19.06 13.20 33.36
C GLY A 14 -18.98 14.56 32.70
N ALA A 15 -18.64 15.57 33.50
CA ALA A 15 -18.52 16.94 32.96
C ALA A 15 -17.04 17.19 32.63
N GLY A 16 -16.52 16.35 31.75
CA GLY A 16 -15.16 16.44 31.26
C GLY A 16 -15.16 17.20 29.95
N LEU A 17 -14.54 16.66 28.92
CA LEU A 17 -14.51 17.37 27.64
C LEU A 17 -15.67 17.00 26.71
N ALA A 18 -15.87 15.70 26.45
CA ALA A 18 -16.99 15.27 25.62
C ALA A 18 -18.36 15.58 26.26
N GLY A 19 -18.50 15.27 27.56
CA GLY A 19 -19.77 15.41 28.27
C GLY A 19 -20.28 16.82 28.30
N THR A 20 -19.37 17.77 28.56
CA THR A 20 -19.75 19.20 28.61
CA THR A 20 -19.76 19.17 28.63
C THR A 20 -20.09 19.71 27.23
N LEU A 21 -19.30 19.30 26.22
CA LEU A 21 -19.60 19.75 24.85
C LEU A 21 -20.97 19.20 24.39
N VAL A 22 -21.22 17.89 24.58
CA VAL A 22 -22.51 17.34 24.15
C VAL A 22 -23.69 17.98 24.95
N ALA A 23 -23.46 18.36 26.25
CA ALA A 23 -24.46 19.05 27.07
C ALA A 23 -24.85 20.39 26.42
N ARG A 24 -23.88 21.16 25.96
CA ARG A 24 -24.15 22.45 25.31
C ARG A 24 -24.91 22.28 23.99
N LEU A 25 -24.46 21.32 23.15
CA LEU A 25 -25.08 21.11 21.84
C LEU A 25 -26.55 20.68 21.96
N LEU A 26 -26.82 19.77 22.89
CA LEU A 26 -28.18 19.30 23.14
C LEU A 26 -29.04 20.40 23.80
N ALA A 27 -28.50 21.08 24.85
CA ALA A 27 -29.28 22.11 25.54
C ALA A 27 -29.67 23.27 24.61
N ARG A 28 -28.75 23.69 23.73
CA ARG A 28 -29.10 24.81 22.85
C ARG A 28 -30.12 24.40 21.75
N ASN A 29 -30.28 23.09 21.53
CA ASN A 29 -31.33 22.52 20.68
C ASN A 29 -32.61 22.23 21.48
N GLY A 30 -32.71 22.76 22.69
CA GLY A 30 -33.91 22.63 23.50
C GLY A 30 -34.09 21.37 24.34
N TRP A 31 -33.06 20.50 24.42
CA TRP A 31 -33.17 19.29 25.27
C TRP A 31 -33.09 19.73 26.75
N GLN A 32 -33.75 18.98 27.63
CA GLN A 32 -33.64 19.23 29.08
C GLN A 32 -32.41 18.36 29.47
N VAL A 33 -31.33 19.03 29.84
CA VAL A 33 -30.04 18.37 30.11
C VAL A 33 -29.66 18.45 31.58
N ASN A 34 -29.37 17.30 32.20
CA ASN A 34 -28.81 17.23 33.54
C ASN A 34 -27.45 16.52 33.42
N LEU A 35 -26.40 17.18 33.86
CA LEU A 35 -25.03 16.67 33.79
C LEU A 35 -24.49 16.44 35.21
N PHE A 36 -24.01 15.22 35.48
CA PHE A 36 -23.50 14.84 36.79
C PHE A 36 -21.98 14.63 36.77
N GLU A 37 -21.27 15.24 37.71
CA GLU A 37 -19.82 15.17 37.75
C GLU A 37 -19.33 14.76 39.16
N ARG A 38 -18.41 13.77 39.23
CA ARG A 38 -17.91 13.28 40.53
C ARG A 38 -17.07 14.37 41.26
N ARG A 39 -16.27 15.09 40.50
CA ARG A 39 -15.37 16.10 41.09
C ARG A 39 -16.11 17.38 41.51
N PRO A 40 -15.47 18.27 42.33
CA PRO A 40 -16.12 19.56 42.63
C PRO A 40 -16.08 20.44 41.39
N ASP A 41 -16.84 21.55 41.40
CA ASP A 41 -16.83 22.50 40.28
C ASP A 41 -15.44 23.21 40.25
N PRO A 42 -14.65 23.05 39.18
CA PRO A 42 -13.31 23.68 39.12
C PRO A 42 -13.41 25.20 39.01
N ARG A 43 -14.60 25.74 38.71
CA ARG A 43 -14.79 27.19 38.61
C ARG A 43 -14.92 27.84 39.99
N ILE A 44 -15.14 27.03 41.03
CA ILE A 44 -15.20 27.57 42.39
C ILE A 44 -13.76 27.65 42.91
N GLU A 45 -13.18 28.86 42.93
CA GLU A 45 -11.81 29.05 43.40
C GLU A 45 -11.65 28.64 44.86
N THR A 46 -10.63 27.83 45.11
CA THR A 46 -10.27 27.40 46.49
C THR A 46 -8.84 27.82 46.75
N GLY A 47 -8.31 27.49 47.92
CA GLY A 47 -6.94 27.85 48.22
C GLY A 47 -5.97 26.76 47.77
N ALA A 48 -6.45 25.74 47.04
CA ALA A 48 -5.62 24.64 46.54
C ALA A 48 -4.91 25.08 45.27
N ARG A 49 -3.73 24.52 44.99
CA ARG A 49 -2.98 24.84 43.78
C ARG A 49 -3.56 24.13 42.56
N GLY A 50 -3.84 24.89 41.50
CA GLY A 50 -4.40 24.43 40.24
C GLY A 50 -3.54 23.48 39.43
N ARG A 51 -4.18 22.76 38.48
CA ARG A 51 -3.51 21.77 37.63
C ARG A 51 -2.87 22.42 36.41
N SER A 52 -1.58 22.16 36.21
CA SER A 52 -0.80 22.73 35.10
C SER A 52 -0.80 21.82 33.84
N ILE A 53 -1.68 20.83 33.83
CA ILE A 53 -1.88 19.82 32.79
C ILE A 53 -2.32 20.51 31.49
N ASN A 54 -1.68 20.16 30.36
CA ASN A 54 -2.06 20.77 29.07
C ASN A 54 -2.25 19.72 27.99
N LEU A 55 -2.86 20.09 26.85
CA LEU A 55 -3.10 19.13 25.75
C LEU A 55 -2.95 19.83 24.42
N ALA A 56 -2.83 19.04 23.34
CA ALA A 56 -2.73 19.51 21.97
C ALA A 56 -4.13 19.50 21.31
N LEU A 57 -4.61 20.70 20.98
CA LEU A 57 -5.87 20.90 20.30
C LEU A 57 -5.58 21.02 18.79
N ALA A 58 -6.18 20.14 18.01
CA ALA A 58 -5.96 20.12 16.56
C ALA A 58 -7.26 20.45 15.80
N GLU A 59 -7.27 20.37 14.46
CA GLU A 59 -8.44 20.76 13.66
C GLU A 59 -9.76 20.07 14.08
N ARG A 60 -9.75 18.76 14.40
CA ARG A 60 -11.00 18.08 14.79
C ARG A 60 -11.62 18.68 16.04
N GLY A 61 -10.81 18.85 17.08
CA GLY A 61 -11.27 19.49 18.30
C GLY A 61 -11.66 20.94 18.07
N ALA A 62 -10.82 21.70 17.32
CA ALA A 62 -11.09 23.13 17.08
C ALA A 62 -12.40 23.33 16.31
N HIS A 63 -12.66 22.49 15.29
CA HIS A 63 -13.88 22.54 14.50
C HIS A 63 -15.10 22.24 15.38
N ALA A 64 -14.99 21.26 16.30
CA ALA A 64 -16.06 20.95 17.23
C ALA A 64 -16.38 22.18 18.11
N LEU A 65 -15.33 22.85 18.63
CA LEU A 65 -15.51 24.06 19.42
C LEU A 65 -16.11 25.18 18.57
N ARG A 66 -15.69 25.29 17.30
CA ARG A 66 -16.17 26.29 16.34
C ARG A 66 -17.69 26.13 16.14
N LEU A 67 -18.17 24.89 15.90
CA LEU A 67 -19.60 24.60 15.77
C LEU A 67 -20.36 25.00 17.05
N ALA A 68 -19.73 24.81 18.23
CA ALA A 68 -20.32 25.16 19.53
C ALA A 68 -20.26 26.67 19.86
N GLY A 69 -19.52 27.45 19.07
CA GLY A 69 -19.35 28.88 19.30
C GLY A 69 -18.36 29.20 20.42
N LEU A 70 -17.45 28.25 20.72
CA LEU A 70 -16.47 28.42 21.81
C LEU A 70 -15.00 28.51 21.37
N GLU A 71 -14.72 28.36 20.09
CA GLU A 71 -13.34 28.30 19.59
C GLU A 71 -12.51 29.56 19.90
N ARG A 72 -13.07 30.73 19.65
CA ARG A 72 -12.36 31.99 19.90
C ARG A 72 -11.92 32.12 21.34
N GLU A 73 -12.82 31.80 22.27
CA GLU A 73 -12.53 31.87 23.72
C GLU A 73 -11.40 30.88 24.11
N VAL A 74 -11.46 29.64 23.61
CA VAL A 74 -10.43 28.62 23.88
C VAL A 74 -9.08 29.05 23.28
N LEU A 75 -9.07 29.46 22.02
CA LEU A 75 -7.82 29.85 21.34
C LEU A 75 -7.14 31.09 21.96
N ALA A 76 -7.93 31.99 22.60
CA ALA A 76 -7.38 33.17 23.29
C ALA A 76 -6.37 32.76 24.36
N GLU A 77 -6.47 31.54 24.94
CA GLU A 77 -5.41 31.18 25.89
C GLU A 77 -4.64 29.93 25.42
N ALA A 78 -4.52 29.76 24.10
CA ALA A 78 -3.77 28.63 23.56
C ALA A 78 -2.48 29.10 22.95
N VAL A 79 -1.42 28.31 23.11
CA VAL A 79 -0.11 28.64 22.53
C VAL A 79 0.03 27.89 21.20
N MET A 80 0.41 28.60 20.13
CA MET A 80 0.62 27.97 18.83
C MET A 80 1.84 27.05 18.86
N MET A 81 1.70 25.85 18.33
CA MET A 81 2.88 24.96 18.22
C MET A 81 3.02 24.74 16.72
N ARG A 82 4.00 25.44 16.11
CA ARG A 82 4.23 25.42 14.66
C ARG A 82 4.80 24.13 14.16
N GLY A 83 5.55 23.46 15.03
CA GLY A 83 6.23 22.23 14.64
C GLY A 83 6.81 21.46 15.80
N ARG A 84 7.51 20.39 15.46
CA ARG A 84 8.16 19.48 16.38
C ARG A 84 9.64 19.92 16.55
N MET A 85 10.07 20.14 17.80
CA MET A 85 11.47 20.48 18.06
C MET A 85 12.11 19.21 18.70
N VAL A 86 12.96 18.52 17.94
CA VAL A 86 13.60 17.26 18.37
C VAL A 86 14.94 17.54 19.05
N HIS A 87 15.09 17.04 20.29
CA HIS A 87 16.31 17.28 21.06
C HIS A 87 17.08 16.00 21.17
N VAL A 88 18.15 15.97 20.44
CA VAL A 88 19.07 14.84 20.46
C VAL A 88 20.43 15.41 20.95
N PRO A 89 21.04 14.87 22.04
CA PRO A 89 22.31 15.43 22.53
C PRO A 89 23.36 15.58 21.46
N GLY A 90 23.99 16.77 21.46
CA GLY A 90 25.02 17.16 20.49
C GLY A 90 24.48 17.99 19.34
N THR A 91 23.43 17.45 18.65
CA THR A 91 22.76 18.09 17.50
C THR A 91 22.00 19.33 17.96
N PRO A 92 22.18 20.51 17.31
CA PRO A 92 21.38 21.68 17.75
C PRO A 92 19.92 21.45 17.38
N PRO A 93 18.96 21.83 18.24
CA PRO A 93 17.55 21.60 17.88
C PRO A 93 17.17 22.44 16.66
N ASN A 94 16.48 21.86 15.68
CA ASN A 94 16.02 22.57 14.47
C ASN A 94 14.56 22.23 14.28
N LEU A 95 13.70 23.21 14.22
CA LEU A 95 12.26 23.00 14.10
C LEU A 95 11.85 22.27 12.83
N GLN A 96 11.00 21.24 12.98
CA GLN A 96 10.43 20.50 11.84
C GLN A 96 8.96 20.96 11.76
N PRO A 97 8.64 21.95 10.89
CA PRO A 97 7.25 22.46 10.81
C PRO A 97 6.22 21.38 10.53
N TYR A 98 5.08 21.47 11.19
CA TYR A 98 3.98 20.51 11.04
C TYR A 98 3.25 20.64 9.72
N GLY A 99 3.18 21.85 9.20
CA GLY A 99 2.46 22.15 7.98
C GLY A 99 3.06 23.23 7.13
N ARG A 100 2.32 23.59 6.08
CA ARG A 100 2.67 24.54 5.01
C ARG A 100 2.85 25.99 5.49
N ASP A 101 2.02 26.45 6.47
CA ASP A 101 2.08 27.81 7.03
C ASP A 101 1.44 27.80 8.43
N ASP A 102 1.22 29.00 9.04
CA ASP A 102 0.66 29.06 10.39
C ASP A 102 -0.84 28.70 10.48
N SER A 103 -1.48 28.36 9.36
CA SER A 103 -2.87 27.88 9.46
C SER A 103 -2.84 26.38 9.83
N GLU A 104 -1.69 25.70 9.61
CA GLU A 104 -1.51 24.26 9.91
C GLU A 104 -0.59 24.13 11.13
N VAL A 105 -1.19 24.32 12.30
CA VAL A 105 -0.50 24.27 13.59
C VAL A 105 -1.37 23.52 14.56
N ILE A 106 -0.81 23.18 15.71
CA ILE A 106 -1.58 22.60 16.82
C ILE A 106 -1.50 23.60 17.96
N TRP A 107 -2.43 23.53 18.89
CA TRP A 107 -2.56 24.51 19.94
C TRP A 107 -2.40 23.89 21.29
N SER A 108 -1.54 24.45 22.12
CA SER A 108 -1.38 23.91 23.46
C SER A 108 -2.35 24.67 24.39
N ILE A 109 -3.24 23.95 25.06
CA ILE A 109 -4.21 24.61 25.96
C ILE A 109 -4.18 23.94 27.32
N ASN A 110 -4.40 24.72 28.37
CA ASN A 110 -4.49 24.20 29.74
C ASN A 110 -5.81 23.41 29.84
N ARG A 111 -5.71 22.16 30.31
CA ARG A 111 -6.85 21.27 30.42
C ARG A 111 -7.99 21.86 31.27
N ASP A 112 -7.63 22.35 32.46
CA ASP A 112 -8.60 22.92 33.41
C ASP A 112 -9.26 24.15 32.81
N ARG A 113 -8.49 25.01 32.09
CA ARG A 113 -9.08 26.19 31.46
C ARG A 113 -10.10 25.79 30.39
N LEU A 114 -9.73 24.80 29.57
CA LEU A 114 -10.66 24.27 28.54
C LEU A 114 -11.93 23.76 29.22
N ASN A 115 -11.78 22.99 30.31
CA ASN A 115 -12.94 22.43 31.01
C ASN A 115 -13.86 23.55 31.56
N ARG A 116 -13.28 24.62 32.13
CA ARG A 116 -14.05 25.77 32.69
C ARG A 116 -14.86 26.47 31.59
N ILE A 117 -14.24 26.70 30.43
CA ILE A 117 -14.88 27.34 29.28
C ILE A 117 -16.07 26.45 28.83
N LEU A 118 -15.85 25.14 28.75
CA LEU A 118 -16.91 24.21 28.34
C LEU A 118 -18.05 24.22 29.38
N LEU A 119 -17.73 24.22 30.68
CA LEU A 119 -18.78 24.26 31.72
C LEU A 119 -19.66 25.50 31.60
N ASP A 120 -19.03 26.68 31.43
CA ASP A 120 -19.76 27.94 31.26
C ASP A 120 -20.64 27.85 30.00
N GLY A 121 -20.10 27.28 28.93
CA GLY A 121 -20.80 27.09 27.66
C GLY A 121 -22.03 26.20 27.80
N ALA A 122 -21.92 25.10 28.59
CA ALA A 122 -23.06 24.19 28.77
C ALA A 122 -24.16 24.88 29.59
N GLU A 123 -23.77 25.61 30.64
CA GLU A 123 -24.73 26.35 31.46
C GLU A 123 -25.41 27.49 30.70
N ALA A 124 -24.65 28.21 29.86
CA ALA A 124 -25.20 29.31 29.06
C ALA A 124 -26.28 28.79 28.08
N ALA A 125 -26.12 27.53 27.62
CA ALA A 125 -27.06 26.90 26.70
C ALA A 125 -28.31 26.33 27.42
N GLY A 126 -28.27 26.28 28.75
CA GLY A 126 -29.39 25.81 29.54
C GLY A 126 -29.22 24.48 30.26
N ALA A 127 -28.02 23.85 30.19
CA ALA A 127 -27.80 22.57 30.90
C ALA A 127 -27.69 22.81 32.40
N SER A 128 -28.16 21.86 33.21
CA SER A 128 -28.01 21.95 34.67
C SER A 128 -26.84 21.01 35.03
N ILE A 129 -25.85 21.53 35.76
CA ILE A 129 -24.67 20.74 36.14
C ILE A 129 -24.65 20.51 37.66
N HIS A 130 -24.51 19.24 38.06
CA HIS A 130 -24.52 18.80 39.45
C HIS A 130 -23.15 18.18 39.79
N PHE A 131 -22.36 18.85 40.64
CA PHE A 131 -21.02 18.37 40.95
C PHE A 131 -21.04 17.55 42.24
N ASN A 132 -19.88 16.92 42.59
CA ASN A 132 -19.71 16.13 43.83
C ASN A 132 -20.66 14.94 43.86
N LEU A 133 -20.96 14.39 42.67
CA LEU A 133 -21.87 13.24 42.54
C LEU A 133 -21.32 12.27 41.52
N GLY A 134 -20.81 11.15 42.01
CA GLY A 134 -20.26 10.12 41.14
C GLY A 134 -21.27 9.00 40.92
N LEU A 135 -21.42 8.57 39.67
CA LEU A 135 -22.32 7.47 39.36
C LEU A 135 -21.74 6.19 39.95
N ASP A 136 -22.57 5.44 40.69
CA ASP A 136 -22.22 4.17 41.33
C ASP A 136 -22.83 2.99 40.59
N SER A 137 -24.10 3.10 40.17
CA SER A 137 -24.81 1.99 39.54
C SER A 137 -25.99 2.46 38.75
N VAL A 138 -26.47 1.61 37.84
CA VAL A 138 -27.61 1.88 36.97
C VAL A 138 -28.55 0.68 37.01
N ASP A 139 -29.85 0.93 37.17
CA ASP A 139 -30.86 -0.12 37.09
C ASP A 139 -31.58 0.18 35.76
N PHE A 140 -31.15 -0.48 34.69
CA PHE A 140 -31.71 -0.27 33.35
C PHE A 140 -33.22 -0.59 33.25
N ALA A 141 -33.64 -1.69 33.87
CA ALA A 141 -35.05 -2.14 33.85
C ALA A 141 -35.96 -1.11 34.55
N ARG A 142 -35.54 -0.58 35.70
CA ARG A 142 -36.33 0.42 36.44
C ARG A 142 -36.04 1.86 36.00
N GLN A 143 -35.06 2.07 35.13
CA GLN A 143 -34.68 3.40 34.61
C GLN A 143 -34.28 4.35 35.73
N ARG A 144 -33.50 3.83 36.68
CA ARG A 144 -32.99 4.65 37.77
C ARG A 144 -31.50 4.45 37.90
N LEU A 145 -30.85 5.44 38.45
CA LEU A 145 -29.43 5.31 38.71
C LEU A 145 -29.13 5.79 40.10
N THR A 146 -27.95 5.40 40.62
CA THR A 146 -27.52 5.76 41.96
C THR A 146 -26.23 6.52 41.85
N LEU A 147 -26.21 7.67 42.51
CA LEU A 147 -25.04 8.54 42.60
C LEU A 147 -24.66 8.69 44.05
N SER A 148 -23.40 9.05 44.31
CA SER A 148 -22.96 9.35 45.67
C SER A 148 -21.84 10.36 45.71
N ASN A 149 -21.72 11.09 46.84
CA ASN A 149 -20.57 11.98 46.98
C ASN A 149 -19.34 11.13 47.47
N VAL A 150 -18.18 11.76 47.73
CA VAL A 150 -16.97 11.07 48.17
C VAL A 150 -17.21 10.27 49.50
N SER A 151 -18.09 10.77 50.38
CA SER A 151 -18.46 10.13 51.65
C SER A 151 -19.40 8.93 51.47
N GLY A 152 -19.94 8.74 50.28
CA GLY A 152 -20.84 7.62 50.03
C GLY A 152 -22.32 7.89 50.32
N GLU A 153 -22.69 9.17 50.60
CA GLU A 153 -24.08 9.60 50.81
C GLU A 153 -24.78 9.44 49.43
N ARG A 154 -25.77 8.54 49.34
CA ARG A 154 -26.42 8.16 48.08
C ARG A 154 -27.61 9.03 47.68
N LEU A 155 -27.83 9.12 46.36
CA LEU A 155 -28.92 9.85 45.77
C LEU A 155 -29.36 9.06 44.52
N GLU A 156 -30.65 8.75 44.42
CA GLU A 156 -31.21 8.03 43.27
C GLU A 156 -31.91 9.01 42.36
N LYS A 157 -31.83 8.77 41.04
CA LYS A 157 -32.50 9.61 40.05
C LYS A 157 -33.08 8.74 38.98
N ARG A 158 -34.23 9.14 38.45
CA ARG A 158 -34.84 8.50 37.30
C ARG A 158 -34.08 9.05 36.07
N PHE A 159 -33.98 8.26 34.99
CA PHE A 159 -33.37 8.74 33.73
C PHE A 159 -34.17 8.24 32.54
N HIS A 160 -34.06 8.92 31.40
CA HIS A 160 -34.75 8.56 30.14
C HIS A 160 -33.70 8.12 29.11
N LEU A 161 -32.63 8.90 28.96
CA LEU A 161 -31.51 8.61 28.08
C LEU A 161 -30.25 8.90 28.89
N LEU A 162 -29.33 7.95 28.90
CA LEU A 162 -28.10 8.10 29.68
C LEU A 162 -26.89 8.19 28.77
N ILE A 163 -26.08 9.24 28.90
CA ILE A 163 -24.85 9.38 28.13
C ILE A 163 -23.64 9.19 29.07
N GLY A 164 -22.85 8.17 28.79
CA GLY A 164 -21.61 7.93 29.52
C GLY A 164 -20.45 8.69 28.90
N ALA A 165 -20.14 9.88 29.45
CA ALA A 165 -19.01 10.70 28.99
C ALA A 165 -18.05 10.74 30.23
N ASP A 166 -17.97 9.63 30.95
CA ASP A 166 -17.29 9.54 32.22
C ASP A 166 -15.87 8.93 32.17
N GLY A 167 -15.19 9.10 31.05
CA GLY A 167 -13.75 8.80 30.97
C GLY A 167 -13.33 7.36 30.86
N CYS A 168 -12.00 7.13 30.90
CA CYS A 168 -11.44 5.80 30.61
C CYS A 168 -11.89 4.69 31.56
N ASN A 169 -12.18 5.02 32.82
CA ASN A 169 -12.68 4.05 33.82
C ASN A 169 -14.20 4.24 34.06
N SER A 170 -14.92 4.52 32.99
CA SER A 170 -16.38 4.76 32.93
C SER A 170 -17.21 3.86 33.83
N ALA A 171 -17.99 4.48 34.71
CA ALA A 171 -18.97 3.77 35.54
C ALA A 171 -20.20 3.38 34.66
N VAL A 172 -20.55 4.22 33.67
CA VAL A 172 -21.67 3.90 32.74
C VAL A 172 -21.31 2.61 31.98
N ARG A 173 -20.07 2.54 31.47
CA ARG A 173 -19.61 1.33 30.74
C ARG A 173 -19.70 0.10 31.65
N GLN A 174 -19.26 0.23 32.92
CA GLN A 174 -19.30 -0.89 33.86
C GLN A 174 -20.76 -1.35 34.09
N ALA A 175 -21.69 -0.40 34.24
CA ALA A 175 -23.12 -0.71 34.43
C ALA A 175 -23.70 -1.41 33.17
N MET A 176 -23.32 -0.95 31.96
CA MET A 176 -23.80 -1.56 30.69
C MET A 176 -23.34 -3.01 30.57
N ALA A 177 -22.05 -3.27 30.94
CA ALA A 177 -21.42 -4.60 30.94
C ALA A 177 -22.19 -5.66 31.76
N SER A 178 -23.15 -5.24 32.64
CA SER A 178 -23.99 -6.15 33.42
C SER A 178 -25.33 -6.53 32.70
N VAL A 179 -25.72 -5.79 31.65
CA VAL A 179 -26.96 -6.07 30.91
C VAL A 179 -26.67 -6.52 29.48
N VAL A 180 -25.50 -6.19 28.94
CA VAL A 180 -25.11 -6.58 27.58
C VAL A 180 -23.64 -7.04 27.59
N ASP A 181 -23.28 -7.92 26.64
CA ASP A 181 -21.88 -8.31 26.49
C ASP A 181 -21.26 -7.21 25.63
N LEU A 182 -20.34 -6.42 26.20
CA LEU A 182 -19.76 -5.32 25.41
C LEU A 182 -18.67 -5.76 24.43
N GLY A 183 -18.24 -7.03 24.52
CA GLY A 183 -17.18 -7.57 23.68
C GLY A 183 -15.91 -6.73 23.84
N GLU A 184 -15.52 -6.47 25.10
CA GLU A 184 -14.38 -5.62 25.44
C GLU A 184 -13.08 -6.37 25.17
N HIS A 185 -12.08 -5.69 24.61
CA HIS A 185 -10.73 -6.22 24.39
C HIS A 185 -9.77 -5.15 24.92
N LEU A 186 -9.07 -5.45 26.03
CA LEU A 186 -8.12 -4.55 26.65
C LEU A 186 -6.70 -4.89 26.23
N GLU A 187 -5.97 -3.87 25.75
CA GLU A 187 -4.57 -4.02 25.36
C GLU A 187 -3.78 -3.09 26.26
N THR A 188 -3.13 -3.65 27.28
CA THR A 188 -2.34 -2.84 28.22
C THR A 188 -1.14 -2.29 27.48
N GLN A 189 -0.69 -1.13 27.92
CA GLN A 189 0.46 -0.45 27.36
C GLN A 189 1.57 -0.54 28.40
N PRO A 190 2.79 -0.98 28.03
CA PRO A 190 3.85 -1.12 29.04
C PRO A 190 4.35 0.20 29.62
N HIS A 191 4.13 1.34 28.91
CA HIS A 191 4.62 2.64 29.39
C HIS A 191 3.69 3.27 30.41
N GLY A 192 4.28 3.77 31.47
CA GLY A 192 3.62 4.62 32.45
C GLY A 192 4.03 6.04 32.08
N TYR A 193 3.46 7.03 32.75
CA TYR A 193 3.86 8.42 32.49
C TYR A 193 3.95 9.22 33.78
N LYS A 194 4.79 10.27 33.77
CA LYS A 194 4.96 11.17 34.90
C LYS A 194 5.04 12.59 34.38
N GLU A 195 4.26 13.51 34.98
CA GLU A 195 4.28 14.92 34.61
C GLU A 195 5.30 15.69 35.44
N LEU A 196 6.13 16.52 34.79
CA LEU A 196 7.18 17.31 35.41
C LEU A 196 7.06 18.74 34.91
N GLN A 197 7.72 19.71 35.57
CA GLN A 197 7.56 21.10 35.17
C GLN A 197 8.86 21.81 34.89
N ILE A 198 8.81 22.73 33.92
CA ILE A 198 9.90 23.66 33.60
C ILE A 198 9.28 25.02 33.88
N THR A 199 9.89 25.80 34.76
CA THR A 199 9.39 27.13 35.09
C THR A 199 9.63 28.13 33.93
N PRO A 200 8.93 29.29 33.93
CA PRO A 200 9.19 30.32 32.90
C PRO A 200 10.65 30.83 32.92
N GLU A 201 11.26 30.96 34.13
CA GLU A 201 12.66 31.42 34.25
C GLU A 201 13.61 30.43 33.59
N ALA A 202 13.43 29.12 33.88
CA ALA A 202 14.28 28.05 33.34
C ALA A 202 14.14 27.92 31.83
N SER A 203 12.89 27.91 31.29
CA SER A 203 12.70 27.79 29.84
C SER A 203 13.36 28.99 29.10
N ALA A 204 13.26 30.21 29.68
CA ALA A 204 13.89 31.40 29.08
C ALA A 204 15.42 31.31 29.16
N GLN A 205 15.97 30.89 30.31
CA GLN A 205 17.42 30.76 30.53
C GLN A 205 18.04 29.76 29.53
N PHE A 206 17.33 28.67 29.23
CA PHE A 206 17.83 27.64 28.32
C PHE A 206 17.34 27.82 26.87
N ASN A 207 16.68 28.99 26.56
CA ASN A 207 16.20 29.32 25.20
C ASN A 207 15.29 28.27 24.59
N LEU A 208 14.40 27.67 25.41
CA LEU A 208 13.47 26.64 24.91
C LEU A 208 12.34 27.32 24.12
N GLU A 209 12.21 26.99 22.82
CA GLU A 209 11.24 27.62 21.92
C GLU A 209 9.78 27.51 22.41
N PRO A 210 9.08 28.63 22.68
CA PRO A 210 7.69 28.50 23.18
C PRO A 210 6.69 28.02 22.12
N ASN A 211 6.92 28.33 20.83
CA ASN A 211 5.93 27.98 19.80
C ASN A 211 6.24 26.67 19.07
N ALA A 212 6.47 25.60 19.85
CA ALA A 212 6.77 24.27 19.31
C ALA A 212 6.40 23.20 20.33
N LEU A 213 6.22 21.97 19.84
CA LEU A 213 6.01 20.78 20.65
C LEU A 213 7.40 20.16 20.69
N HIS A 214 7.91 19.92 21.89
CA HIS A 214 9.27 19.43 22.10
C HIS A 214 9.34 17.97 22.37
N ILE A 215 10.33 17.27 21.77
CA ILE A 215 10.51 15.83 22.02
C ILE A 215 11.97 15.51 22.33
N TRP A 216 12.19 14.64 23.34
CA TRP A 216 13.51 14.09 23.73
C TRP A 216 13.40 12.57 23.48
N PRO A 217 13.65 12.12 22.23
CA PRO A 217 13.50 10.69 21.93
C PRO A 217 14.59 9.86 22.60
N HIS A 218 14.26 8.64 23.05
CA HIS A 218 15.27 7.75 23.65
C HIS A 218 14.89 6.28 23.47
N GLY A 219 14.35 5.94 22.30
CA GLY A 219 13.98 4.57 21.94
C GLY A 219 12.79 4.06 22.72
N ASP A 220 13.04 3.19 23.71
CA ASP A 220 11.97 2.61 24.54
C ASP A 220 11.35 3.59 25.54
N TYR A 221 11.96 4.76 25.71
CA TYR A 221 11.39 5.80 26.57
C TYR A 221 11.61 7.15 25.93
N MET A 222 10.88 8.18 26.39
CA MET A 222 11.03 9.51 25.82
C MET A 222 10.38 10.55 26.71
N CYS A 223 10.70 11.83 26.46
CA CYS A 223 10.04 12.96 27.11
C CYS A 223 9.45 13.85 26.01
N ILE A 224 8.36 14.51 26.36
CA ILE A 224 7.73 15.51 25.47
C ILE A 224 7.47 16.71 26.37
N ALA A 225 7.41 17.89 25.77
CA ALA A 225 7.04 19.10 26.49
C ALA A 225 6.12 19.96 25.64
N LEU A 226 5.08 20.50 26.30
CA LEU A 226 4.11 21.41 25.69
C LEU A 226 4.15 22.71 26.41
N PRO A 227 4.19 23.82 25.66
CA PRO A 227 4.29 25.14 26.28
C PRO A 227 3.00 25.65 26.91
N ASN A 228 3.14 26.55 27.89
CA ASN A 228 2.02 27.27 28.50
C ASN A 228 2.15 28.76 28.17
N LEU A 229 1.05 29.50 28.33
CA LEU A 229 1.01 30.95 28.02
C LEU A 229 2.05 31.75 28.79
N ASP A 230 2.36 31.30 30.02
CA ASP A 230 3.31 32.01 30.87
C ASP A 230 4.76 31.55 30.64
N ARG A 231 5.02 30.78 29.56
CA ARG A 231 6.35 30.28 29.19
C ARG A 231 6.83 29.10 30.05
N SER A 232 6.01 28.63 31.01
CA SER A 232 6.36 27.38 31.70
C SER A 232 6.06 26.27 30.69
N PHE A 233 6.60 25.07 30.91
CA PHE A 233 6.29 23.91 30.08
C PHE A 233 5.90 22.75 30.97
N THR A 234 4.95 21.94 30.52
CA THR A 234 4.64 20.68 31.21
C THR A 234 5.37 19.60 30.43
N VAL A 235 6.21 18.86 31.13
CA VAL A 235 7.01 17.79 30.53
C VAL A 235 6.36 16.48 30.91
N THR A 236 6.28 15.55 29.96
CA THR A 236 5.79 14.21 30.27
C THR A 236 6.86 13.20 29.90
N LEU A 237 7.21 12.35 30.87
CA LEU A 237 8.14 11.25 30.72
C LEU A 237 7.31 10.01 30.43
N PHE A 238 7.60 9.28 29.33
CA PHE A 238 6.96 8.01 29.03
C PHE A 238 8.02 6.92 29.25
N LEU A 239 7.79 6.00 30.19
CA LEU A 239 8.80 5.02 30.56
C LEU A 239 8.11 3.73 31.04
N HIS A 240 8.69 2.57 30.70
CA HIS A 240 8.09 1.28 31.12
C HIS A 240 7.86 1.24 32.62
N HIS A 241 6.72 0.70 33.06
CA HIS A 241 6.46 0.55 34.51
C HIS A 241 7.52 -0.40 35.10
N GLN A 242 7.79 -1.50 34.39
CA GLN A 242 8.70 -2.56 34.82
C GLN A 242 9.67 -2.94 33.71
N SER A 243 10.86 -3.41 34.11
CA SER A 243 11.89 -3.85 33.15
C SER A 243 11.47 -5.26 32.69
N PRO A 244 11.50 -5.59 31.38
CA PRO A 244 11.09 -6.94 30.95
C PRO A 244 12.12 -7.99 31.33
N ALA A 245 11.70 -9.27 31.34
CA ALA A 245 12.56 -10.42 31.66
C ALA A 245 13.76 -10.53 30.70
N ALA A 246 13.54 -10.17 29.40
CA ALA A 246 14.54 -10.19 28.34
C ALA A 246 15.63 -9.13 28.53
N GLN A 247 15.27 -7.94 29.05
CA GLN A 247 16.19 -6.84 29.32
C GLN A 247 16.06 -6.39 30.81
N PRO A 248 16.61 -7.16 31.78
CA PRO A 248 16.45 -6.79 33.20
C PRO A 248 17.10 -5.47 33.62
N ALA A 249 18.16 -5.04 32.91
CA ALA A 249 18.89 -3.79 33.20
C ALA A 249 18.20 -2.53 32.63
N SER A 250 17.31 -2.71 31.62
CA SER A 250 16.62 -1.61 30.94
C SER A 250 15.86 -0.66 31.88
N PRO A 251 15.98 0.68 31.70
CA PRO A 251 15.27 1.61 32.59
C PRO A 251 13.78 1.36 32.71
N SER A 252 13.24 1.64 33.90
CA SER A 252 11.81 1.48 34.18
C SER A 252 11.47 2.28 35.43
N PHE A 253 10.17 2.56 35.67
CA PHE A 253 9.75 3.27 36.88
C PHE A 253 10.09 2.46 38.15
N ALA A 254 10.07 1.11 38.05
CA ALA A 254 10.41 0.22 39.17
C ALA A 254 11.83 0.50 39.69
N GLN A 255 12.78 0.87 38.78
CA GLN A 255 14.18 1.16 39.16
C GLN A 255 14.34 2.53 39.81
N LEU A 256 13.39 3.44 39.56
CA LEU A 256 13.43 4.83 40.08
C LEU A 256 12.69 4.89 41.41
N VAL A 257 13.36 4.39 42.47
CA VAL A 257 12.86 4.22 43.83
C VAL A 257 12.42 5.55 44.48
N ASP A 258 13.10 6.67 44.14
CA ASP A 258 12.75 7.99 44.68
C ASP A 258 13.17 9.12 43.70
N GLY A 259 12.94 10.36 44.11
CA GLY A 259 13.29 11.56 43.36
C GLY A 259 14.77 11.67 43.01
N HIS A 260 15.65 11.25 43.93
CA HIS A 260 17.10 11.26 43.71
C HIS A 260 17.51 10.30 42.61
N ALA A 261 16.86 9.10 42.57
CA ALA A 261 17.10 8.12 41.51
C ALA A 261 16.65 8.70 40.16
N ALA A 262 15.48 9.40 40.15
CA ALA A 262 14.93 10.03 38.95
C ALA A 262 15.88 11.11 38.43
N ARG A 263 16.49 11.90 39.36
CA ARG A 263 17.46 12.93 38.98
C ARG A 263 18.70 12.32 38.28
N ARG A 264 19.25 11.22 38.84
CA ARG A 264 20.43 10.54 38.28
C ARG A 264 20.11 9.98 36.89
N PHE A 265 18.92 9.42 36.72
CA PHE A 265 18.44 8.91 35.42
C PHE A 265 18.36 10.04 34.36
N PHE A 266 17.75 11.19 34.72
CA PHE A 266 17.69 12.36 33.81
C PHE A 266 19.07 12.93 33.48
N GLN A 267 19.95 12.99 34.48
CA GLN A 267 21.32 13.50 34.25
C GLN A 267 22.07 12.62 33.25
N ARG A 268 21.81 11.32 33.28
CA ARG A 268 22.50 10.42 32.36
C ARG A 268 21.82 10.31 30.98
N GLN A 269 20.48 10.11 30.95
CA GLN A 269 19.74 9.86 29.72
C GLN A 269 19.22 11.10 29.03
N PHE A 270 18.88 12.16 29.78
CA PHE A 270 18.36 13.41 29.19
C PHE A 270 19.23 14.58 29.70
N PRO A 271 20.58 14.59 29.43
CA PRO A 271 21.43 15.65 30.01
C PRO A 271 21.10 17.09 29.65
N ASP A 272 20.52 17.36 28.46
CA ASP A 272 20.16 18.74 28.12
C ASP A 272 18.80 19.18 28.72
N LEU A 273 18.02 18.20 29.26
CA LEU A 273 16.70 18.47 29.86
C LEU A 273 16.77 18.61 31.39
N SER A 274 17.52 17.71 32.07
CA SER A 274 17.67 17.74 33.54
C SER A 274 17.92 19.15 34.13
N PRO A 275 18.83 20.01 33.57
CA PRO A 275 19.05 21.35 34.16
C PRO A 275 17.84 22.29 34.12
N MET A 276 16.86 22.02 33.25
CA MET A 276 15.63 22.82 33.16
C MET A 276 14.58 22.36 34.16
N LEU A 277 14.74 21.16 34.73
CA LEU A 277 13.77 20.57 35.64
C LEU A 277 14.16 20.84 37.10
N ASP A 278 13.90 22.06 37.58
CA ASP A 278 14.28 22.47 38.93
C ASP A 278 13.60 21.69 40.05
N SER A 279 12.35 21.26 39.84
CA SER A 279 11.61 20.54 40.88
C SER A 279 11.43 19.07 40.55
N LEU A 280 12.37 18.50 39.77
CA LEU A 280 12.32 17.10 39.34
C LEU A 280 12.04 16.11 40.47
N GLU A 281 12.82 16.21 41.56
CA GLU A 281 12.72 15.32 42.73
C GLU A 281 11.33 15.34 43.35
N GLN A 282 10.80 16.55 43.64
CA GLN A 282 9.47 16.73 44.26
C GLN A 282 8.34 16.30 43.30
N ASP A 283 8.42 16.73 42.02
CA ASP A 283 7.42 16.36 41.02
C ASP A 283 7.35 14.83 40.90
N PHE A 284 8.51 14.16 40.86
CA PHE A 284 8.59 12.69 40.69
C PHE A 284 7.89 11.97 41.84
N GLU A 285 8.18 12.39 43.08
CA GLU A 285 7.62 11.74 44.26
C GLU A 285 6.16 12.12 44.56
N HIS A 286 5.74 13.34 44.21
CA HIS A 286 4.37 13.78 44.54
C HIS A 286 3.35 13.56 43.42
N HIS A 287 3.78 13.53 42.14
CA HIS A 287 2.84 13.28 41.03
C HIS A 287 2.75 11.77 40.80
N PRO A 288 1.56 11.14 40.86
CA PRO A 288 1.49 9.68 40.67
C PRO A 288 1.80 9.25 39.23
N THR A 289 2.30 8.03 39.05
CA THR A 289 2.63 7.47 37.73
C THR A 289 1.32 7.06 37.06
N GLY A 290 1.07 7.59 35.88
CA GLY A 290 -0.16 7.29 35.17
C GLY A 290 -0.09 6.00 34.36
N LYS A 291 -1.26 5.42 34.08
CA LYS A 291 -1.39 4.19 33.32
C LYS A 291 -1.97 4.48 31.95
N LEU A 292 -1.52 3.74 30.93
CA LEU A 292 -1.97 3.88 29.54
C LEU A 292 -2.52 2.55 29.05
N ALA A 293 -3.48 2.61 28.11
CA ALA A 293 -4.07 1.38 27.55
C ALA A 293 -4.91 1.70 26.34
N THR A 294 -5.22 0.67 25.54
CA THR A 294 -6.15 0.77 24.42
C THR A 294 -7.30 -0.18 24.78
N LEU A 295 -8.52 0.33 24.78
CA LEU A 295 -9.67 -0.53 25.07
C LEU A 295 -10.67 -0.41 23.93
N ARG A 296 -10.98 -1.55 23.30
CA ARG A 296 -11.86 -1.64 22.15
C ARG A 296 -13.17 -2.38 22.56
N LEU A 297 -14.35 -1.78 22.24
CA LEU A 297 -15.67 -2.36 22.55
C LEU A 297 -16.42 -2.71 21.29
N THR A 298 -17.10 -3.87 21.25
CA THR A 298 -17.88 -4.19 20.04
C THR A 298 -19.19 -3.42 20.06
N THR A 299 -19.68 -3.12 21.27
CA THR A 299 -20.96 -2.46 21.54
C THR A 299 -20.72 -1.16 22.36
N TRP A 300 -21.33 -0.05 21.93
CA TRP A 300 -21.24 1.23 22.70
C TRP A 300 -22.58 1.69 23.28
N HIS A 301 -23.66 0.94 23.03
CA HIS A 301 -24.98 1.35 23.49
C HIS A 301 -25.85 0.19 23.94
N VAL A 302 -26.86 0.49 24.76
CA VAL A 302 -27.88 -0.46 25.23
C VAL A 302 -29.20 0.10 24.71
N GLY A 303 -29.70 -0.47 23.61
CA GLY A 303 -30.95 -0.04 22.98
C GLY A 303 -30.98 1.47 22.76
N GLY A 304 -32.06 2.11 23.22
CA GLY A 304 -32.18 3.56 23.19
C GLY A 304 -31.92 4.18 24.55
N GLN A 305 -31.49 3.36 25.52
CA GLN A 305 -31.32 3.82 26.91
C GLN A 305 -30.00 4.45 27.23
N ALA A 306 -28.90 3.88 26.71
CA ALA A 306 -27.58 4.43 27.12
C ALA A 306 -26.58 4.35 26.00
N VAL A 307 -25.60 5.26 26.02
CA VAL A 307 -24.55 5.26 25.02
C VAL A 307 -23.25 5.78 25.65
N LEU A 308 -22.12 5.32 25.12
CA LEU A 308 -20.79 5.79 25.56
C LEU A 308 -20.19 6.66 24.47
N LEU A 309 -19.35 7.62 24.87
CA LEU A 309 -18.56 8.40 23.91
C LEU A 309 -17.26 8.85 24.56
N GLY A 310 -16.32 9.28 23.73
CA GLY A 310 -15.01 9.73 24.23
C GLY A 310 -14.23 8.58 24.83
N ASP A 311 -13.47 8.85 25.89
CA ASP A 311 -12.66 7.85 26.58
C ASP A 311 -13.49 6.72 27.20
N ALA A 312 -14.77 6.98 27.52
CA ALA A 312 -15.64 5.92 28.05
C ALA A 312 -15.85 4.82 26.98
N ALA A 313 -15.87 5.21 25.69
CA ALA A 313 -16.09 4.28 24.58
C ALA A 313 -14.80 3.72 24.01
N HIS A 314 -13.74 4.54 23.95
CA HIS A 314 -12.53 4.06 23.25
C HIS A 314 -11.20 4.61 23.83
N PRO A 315 -10.84 4.22 25.06
CA PRO A 315 -9.53 4.62 25.59
C PRO A 315 -8.43 4.31 24.57
N MET A 316 -7.49 5.27 24.38
CA MET A 316 -6.39 5.08 23.43
C MET A 316 -5.09 5.58 24.03
N VAL A 317 -3.95 5.15 23.46
CA VAL A 317 -2.64 5.62 23.94
C VAL A 317 -2.50 7.07 23.44
N PRO A 318 -1.77 7.94 24.16
CA PRO A 318 -1.79 9.37 23.82
C PRO A 318 -0.77 9.83 22.79
N PHE A 319 -0.12 8.91 22.09
CA PHE A 319 1.03 9.25 21.23
C PHE A 319 0.71 10.03 19.96
N HIS A 320 -0.58 10.24 19.68
CA HIS A 320 -0.98 11.11 18.57
C HIS A 320 -1.62 12.43 19.03
N GLY A 321 -1.83 12.61 20.33
CA GLY A 321 -2.50 13.81 20.85
C GLY A 321 -3.87 14.00 20.20
N GLN A 322 -4.65 12.89 20.11
CA GLN A 322 -5.95 12.89 19.45
C GLN A 322 -7.15 12.43 20.30
N GLY A 323 -6.93 12.00 21.55
CA GLY A 323 -8.01 11.52 22.42
C GLY A 323 -9.10 12.56 22.66
N MET A 324 -8.69 13.79 23.07
CA MET A 324 -9.64 14.87 23.31
CA MET A 324 -9.63 14.88 23.32
C MET A 324 -10.25 15.27 21.96
N ASN A 325 -9.41 15.37 20.90
CA ASN A 325 -9.88 15.75 19.56
C ASN A 325 -10.98 14.80 19.08
N CYS A 326 -10.75 13.50 19.24
CA CYS A 326 -11.69 12.44 18.90
C CYS A 326 -12.95 12.57 19.78
N ALA A 327 -12.79 12.80 21.09
CA ALA A 327 -13.93 12.89 22.03
C ALA A 327 -14.86 14.07 21.62
N LEU A 328 -14.26 15.21 21.22
CA LEU A 328 -15.06 16.37 20.81
C LEU A 328 -15.76 16.11 19.49
N GLU A 329 -15.08 15.40 18.57
CA GLU A 329 -15.66 14.99 17.29
C GLU A 329 -16.86 14.03 17.59
N ASP A 330 -16.70 13.11 18.57
CA ASP A 330 -17.77 12.19 18.97
C ASP A 330 -18.98 12.99 19.49
N ALA A 331 -18.73 14.01 20.34
CA ALA A 331 -19.79 14.83 20.94
C ALA A 331 -20.66 15.46 19.84
N VAL A 332 -20.03 16.04 18.81
CA VAL A 332 -20.75 16.65 17.69
C VAL A 332 -21.61 15.60 16.99
N ALA A 333 -21.02 14.46 16.66
CA ALA A 333 -21.70 13.36 15.96
C ALA A 333 -22.89 12.87 16.79
N LEU A 334 -22.69 12.68 18.10
CA LEU A 334 -23.76 12.18 18.96
C LEU A 334 -24.93 13.19 19.02
N ALA A 335 -24.63 14.47 19.21
CA ALA A 335 -25.68 15.49 19.27
C ALA A 335 -26.43 15.58 17.95
N GLU A 336 -25.74 15.44 16.82
CA GLU A 336 -26.35 15.48 15.49
C GLU A 336 -27.31 14.32 15.29
N HIS A 337 -26.87 13.09 15.65
CA HIS A 337 -27.71 11.89 15.50
C HIS A 337 -28.93 11.98 16.40
N LEU A 338 -28.73 12.36 17.69
CA LEU A 338 -29.83 12.48 18.65
C LEU A 338 -30.87 13.50 18.23
N GLN A 339 -30.39 14.64 17.72
CA GLN A 339 -31.29 15.70 17.32
C GLN A 339 -32.25 15.32 16.17
N SER A 340 -31.74 14.60 15.15
CA SER A 340 -32.45 14.32 13.91
CA SER A 340 -32.50 14.34 13.94
C SER A 340 -32.98 12.90 13.72
N ALA A 341 -32.76 11.99 14.68
CA ALA A 341 -33.20 10.59 14.47
C ALA A 341 -34.69 10.38 14.67
N ALA A 342 -35.23 9.22 14.21
CA ALA A 342 -36.65 8.89 14.39
C ALA A 342 -36.93 8.66 15.90
N ASP A 343 -35.93 8.14 16.64
CA ASP A 343 -36.02 7.82 18.07
C ASP A 343 -34.60 7.63 18.62
N ASN A 344 -34.46 7.61 19.96
CA ASN A 344 -33.14 7.44 20.58
C ASN A 344 -32.45 6.15 20.18
N ALA A 345 -33.19 5.01 20.11
CA ALA A 345 -32.59 3.72 19.72
C ALA A 345 -31.94 3.82 18.32
N SER A 346 -32.62 4.45 17.35
CA SER A 346 -32.09 4.63 15.99
C SER A 346 -30.87 5.55 16.03
N ALA A 347 -30.94 6.63 16.80
CA ALA A 347 -29.79 7.57 16.92
C ALA A 347 -28.53 6.87 17.46
N LEU A 348 -28.69 6.08 18.53
CA LEU A 348 -27.54 5.42 19.17
C LEU A 348 -26.89 4.35 18.28
N ALA A 349 -27.72 3.56 17.57
CA ALA A 349 -27.23 2.55 16.63
C ALA A 349 -26.48 3.25 15.47
N ALA A 350 -27.04 4.36 14.95
CA ALA A 350 -26.40 5.09 13.84
C ALA A 350 -25.10 5.77 14.28
N PHE A 351 -25.09 6.38 15.47
CA PHE A 351 -23.89 7.01 16.02
C PHE A 351 -22.74 5.96 16.15
N THR A 352 -23.06 4.79 16.74
CA THR A 352 -22.10 3.71 16.96
C THR A 352 -21.54 3.20 15.62
N ALA A 353 -22.43 2.95 14.64
CA ALA A 353 -22.02 2.43 13.33
C ALA A 353 -21.10 3.41 12.61
N GLN A 354 -21.38 4.71 12.74
CA GLN A 354 -20.56 5.72 12.08
C GLN A 354 -19.17 5.89 12.77
N ARG A 355 -19.15 5.97 14.10
CA ARG A 355 -17.93 6.30 14.84
C ARG A 355 -16.97 5.13 15.13
N GLN A 356 -17.49 3.91 15.34
CA GLN A 356 -16.64 2.75 15.68
C GLN A 356 -15.46 2.53 14.72
N PRO A 357 -15.63 2.51 13.38
CA PRO A 357 -14.45 2.28 12.50
C PRO A 357 -13.41 3.39 12.61
N ASP A 358 -13.86 4.64 12.84
CA ASP A 358 -12.94 5.77 13.00
C ASP A 358 -12.20 5.70 14.33
N ALA A 359 -12.90 5.31 15.44
CA ALA A 359 -12.24 5.16 16.76
C ALA A 359 -11.15 4.03 16.63
N LEU A 360 -11.48 2.91 15.96
CA LEU A 360 -10.49 1.82 15.78
C LEU A 360 -9.25 2.32 15.02
N ALA A 361 -9.49 3.15 13.99
CA ALA A 361 -8.41 3.70 13.16
C ALA A 361 -7.49 4.62 13.96
N ILE A 362 -8.04 5.55 14.75
CA ILE A 362 -7.18 6.43 15.55
C ILE A 362 -6.49 5.65 16.67
N GLN A 363 -7.12 4.61 17.23
CA GLN A 363 -6.47 3.78 18.25
C GLN A 363 -5.20 3.12 17.66
N ALA A 364 -5.30 2.60 16.41
CA ALA A 364 -4.18 1.94 15.71
C ALA A 364 -3.10 2.98 15.33
N MET A 365 -3.50 4.15 14.83
CA MET A 365 -2.54 5.21 14.45
C MET A 365 -1.83 5.83 15.65
N ALA A 366 -2.53 5.94 16.79
CA ALA A 366 -1.92 6.44 18.03
C ALA A 366 -0.78 5.49 18.49
N LEU A 367 -1.03 4.16 18.46
CA LEU A 367 -0.02 3.14 18.79
C LEU A 367 1.20 3.28 17.86
N GLU A 368 0.95 3.42 16.53
CA GLU A 368 2.00 3.59 15.52
C GLU A 368 2.83 4.86 15.68
N ASN A 369 2.22 5.95 16.18
CA ASN A 369 2.95 7.21 16.31
C ASN A 369 4.07 7.17 17.35
N TYR A 370 4.06 6.22 18.29
CA TYR A 370 5.14 6.13 19.28
C TYR A 370 6.54 5.99 18.62
N VAL A 371 6.69 5.04 17.68
CA VAL A 371 8.01 4.84 17.04
C VAL A 371 8.43 6.03 16.22
N GLU A 372 7.45 6.76 15.65
CA GLU A 372 7.71 7.96 14.86
C GLU A 372 8.34 9.04 15.70
N MET A 373 7.94 9.13 16.98
CA MET A 373 8.43 10.13 17.93
C MET A 373 9.70 9.74 18.65
N SER A 374 9.81 8.46 19.05
CA SER A 374 10.90 8.01 19.90
C SER A 374 11.96 7.13 19.25
N SER A 375 11.57 6.22 18.32
CA SER A 375 12.49 5.25 17.70
C SER A 375 12.21 4.96 16.22
N SER A 379 17.16 7.64 10.77
CA SER A 379 17.07 6.41 9.97
C SER A 379 17.54 6.68 8.52
N PRO A 380 18.15 5.69 7.80
CA PRO A 380 18.66 6.00 6.45
C PRO A 380 17.62 5.96 5.32
N THR A 381 16.75 4.93 5.31
CA THR A 381 15.71 4.75 4.28
C THR A 381 14.57 5.77 4.47
N TYR A 382 14.24 6.11 5.74
CA TYR A 382 13.22 7.08 6.17
C TYR A 382 13.38 8.46 5.50
N LEU A 383 14.62 8.98 5.45
CA LEU A 383 14.96 10.29 4.86
C LEU A 383 14.67 10.36 3.36
N LEU A 384 15.02 9.29 2.62
CA LEU A 384 14.76 9.20 1.17
C LEU A 384 13.25 9.08 0.89
N GLU A 385 12.53 8.32 1.74
CA GLU A 385 11.07 8.16 1.68
C GLU A 385 10.38 9.50 1.95
N ARG A 386 10.85 10.24 2.99
CA ARG A 386 10.34 11.56 3.38
C ARG A 386 10.58 12.56 2.24
N GLU A 387 11.77 12.51 1.61
CA GLU A 387 12.17 13.37 0.48
C GLU A 387 11.23 13.16 -0.70
N LEU A 388 11.02 11.89 -1.12
CA LEU A 388 10.13 11.52 -2.22
C LEU A 388 8.65 11.90 -1.89
N GLY A 389 8.28 11.74 -0.63
CA GLY A 389 6.95 12.09 -0.12
C GLY A 389 6.65 13.59 -0.24
N GLN A 390 7.68 14.43 0.02
CA GLN A 390 7.60 15.90 -0.09
C GLN A 390 7.36 16.35 -1.53
N ILE A 391 8.10 15.77 -2.50
CA ILE A 391 7.97 16.04 -3.93
C ILE A 391 6.57 15.65 -4.41
N MET A 392 6.05 14.49 -3.94
CA MET A 392 4.72 14.02 -4.33
C MET A 392 3.64 14.93 -3.76
N ALA A 393 3.86 15.47 -2.55
CA ALA A 393 2.95 16.41 -1.92
C ALA A 393 2.98 17.77 -2.65
N GLN A 394 4.15 18.16 -3.21
CA GLN A 394 4.35 19.40 -3.97
C GLN A 394 3.70 19.26 -5.36
N ARG A 395 3.92 18.12 -6.04
CA ARG A 395 3.37 17.84 -7.36
C ARG A 395 1.87 17.65 -7.30
N GLN A 396 1.38 16.86 -6.32
CA GLN A 396 -0.04 16.52 -6.18
C GLN A 396 -0.59 16.84 -4.77
N PRO A 397 -0.79 18.14 -4.43
CA PRO A 397 -1.22 18.48 -3.06
C PRO A 397 -2.62 18.05 -2.66
N THR A 398 -3.49 17.69 -3.62
CA THR A 398 -4.85 17.25 -3.28
C THR A 398 -4.95 15.72 -3.24
N ARG A 399 -3.84 15.01 -3.58
CA ARG A 399 -3.79 13.55 -3.62
C ARG A 399 -2.81 12.99 -2.56
N PHE A 400 -1.58 13.53 -2.51
CA PHE A 400 -0.53 13.09 -1.58
C PHE A 400 -0.46 14.03 -0.39
N ILE A 401 -1.16 13.65 0.71
CA ILE A 401 -1.23 14.44 1.95
C ILE A 401 -0.68 13.54 3.08
N PRO A 402 0.48 13.91 3.68
CA PRO A 402 1.06 13.07 4.75
C PRO A 402 0.02 12.70 5.81
N ARG A 403 0.04 11.44 6.28
CA ARG A 403 -0.93 10.95 7.26
C ARG A 403 -1.04 11.83 8.47
N TYR A 404 0.10 12.35 8.98
CA TYR A 404 0.07 13.27 10.12
C TYR A 404 -0.83 14.47 9.81
N SER A 405 -0.73 15.03 8.57
CA SER A 405 -1.56 16.18 8.20
C SER A 405 -3.04 15.81 8.05
N MET A 406 -3.34 14.61 7.49
CA MET A 406 -4.73 14.17 7.36
C MET A 406 -5.40 14.02 8.75
N VAL A 407 -4.68 13.43 9.70
CA VAL A 407 -5.18 13.22 11.07
C VAL A 407 -5.31 14.58 11.80
N THR A 408 -4.24 15.38 11.73
CA THR A 408 -4.13 16.61 12.52
C THR A 408 -4.81 17.84 11.94
N PHE A 409 -4.71 18.07 10.63
CA PHE A 409 -5.21 19.30 10.03
C PHE A 409 -6.44 19.16 9.16
N SER A 410 -7.06 17.98 9.14
CA SER A 410 -8.25 17.77 8.35
C SER A 410 -9.30 17.05 9.16
N ARG A 411 -10.52 17.00 8.62
CA ARG A 411 -11.66 16.31 9.25
C ARG A 411 -12.02 15.03 8.49
N LEU A 412 -11.11 14.59 7.63
CA LEU A 412 -11.31 13.34 6.88
C LEU A 412 -11.55 12.21 7.91
N PRO A 413 -12.55 11.31 7.72
CA PRO A 413 -12.75 10.25 8.74
C PRO A 413 -11.43 9.51 9.01
N TYR A 414 -11.10 9.29 10.31
CA TYR A 414 -9.86 8.62 10.69
C TYR A 414 -9.57 7.37 9.86
N ALA A 415 -10.57 6.53 9.56
CA ALA A 415 -10.37 5.30 8.78
C ALA A 415 -9.89 5.58 7.37
N GLN A 416 -10.35 6.68 6.77
CA GLN A 416 -9.92 7.09 5.43
C GLN A 416 -8.49 7.64 5.48
N ALA A 417 -8.17 8.44 6.53
CA ALA A 417 -6.82 8.95 6.75
C ALA A 417 -5.85 7.77 6.87
N MET A 418 -6.26 6.72 7.63
CA MET A 418 -5.42 5.54 7.77
C MET A 418 -5.25 4.77 6.45
N ALA A 419 -6.35 4.56 5.71
CA ALA A 419 -6.32 3.83 4.41
C ALA A 419 -5.45 4.56 3.38
N ARG A 420 -5.62 5.89 3.25
CA ARG A 420 -4.81 6.69 2.30
C ARG A 420 -3.36 6.72 2.77
N GLY A 421 -3.12 6.79 4.08
CA GLY A 421 -1.78 6.76 4.65
C GLY A 421 -1.02 5.48 4.32
N GLN A 422 -1.74 4.34 4.36
CA GLN A 422 -1.19 3.03 4.02
C GLN A 422 -0.78 2.95 2.55
N ILE A 423 -1.63 3.45 1.65
CA ILE A 423 -1.34 3.51 0.21
C ILE A 423 -0.07 4.32 -0.01
N GLN A 424 0.03 5.50 0.65
CA GLN A 424 1.19 6.39 0.52
C GLN A 424 2.46 5.73 1.05
N GLU A 425 2.39 5.12 2.25
CA GLU A 425 3.53 4.44 2.89
C GLU A 425 4.07 3.32 1.99
N GLN A 426 3.17 2.51 1.40
CA GLN A 426 3.57 1.41 0.51
C GLN A 426 4.20 1.91 -0.78
N LEU A 427 3.60 2.97 -1.36
CA LEU A 427 4.02 3.65 -2.59
C LEU A 427 5.46 4.16 -2.41
N LEU A 428 5.74 4.85 -1.28
CA LEU A 428 7.07 5.39 -0.97
C LEU A 428 8.10 4.30 -0.74
N LYS A 429 7.75 3.29 0.07
CA LYS A 429 8.59 2.14 0.42
C LYS A 429 8.99 1.38 -0.85
N PHE A 430 8.00 1.10 -1.71
CA PHE A 430 8.26 0.38 -2.94
C PHE A 430 9.13 1.20 -3.89
N ALA A 431 8.83 2.51 -4.06
CA ALA A 431 9.56 3.42 -4.95
C ALA A 431 11.03 3.61 -4.59
N VAL A 432 11.38 3.67 -3.28
CA VAL A 432 12.77 3.86 -2.89
C VAL A 432 13.56 2.52 -2.76
N ALA A 433 12.86 1.40 -2.46
CA ALA A 433 13.34 0.03 -2.18
C ALA A 433 14.72 -0.39 -2.77
N ASN A 434 14.93 -0.28 -4.10
CA ASN A 434 16.20 -0.70 -4.71
C ASN A 434 16.97 0.50 -5.30
N HIS A 435 17.10 1.59 -4.52
CA HIS A 435 17.74 2.84 -4.97
C HIS A 435 18.51 3.51 -3.84
N SER A 436 19.72 4.00 -4.16
CA SER A 436 20.62 4.67 -3.21
C SER A 436 20.16 6.12 -2.96
N ASP A 437 19.77 6.84 -4.03
CA ASP A 437 19.32 8.23 -3.95
C ASP A 437 18.20 8.57 -4.94
N LEU A 438 17.66 9.80 -4.85
CA LEU A 438 16.56 10.34 -5.66
C LEU A 438 16.82 10.42 -7.17
N THR A 439 18.10 10.59 -7.58
CA THR A 439 18.49 10.71 -8.99
C THR A 439 18.17 9.47 -9.83
N SER A 440 18.22 8.27 -9.21
CA SER A 440 17.90 7.00 -9.88
C SER A 440 16.39 6.71 -9.88
N ILE A 441 15.60 7.44 -9.07
CA ILE A 441 14.15 7.27 -8.96
C ILE A 441 13.41 8.08 -10.05
N ASN A 442 12.57 7.38 -10.83
CA ASN A 442 11.74 7.93 -11.90
C ASN A 442 10.52 8.59 -11.21
N LEU A 443 10.55 9.94 -11.07
CA LEU A 443 9.52 10.74 -10.39
C LEU A 443 8.13 10.70 -11.04
N ASP A 444 8.07 10.61 -12.38
CA ASP A 444 6.80 10.55 -13.13
C ASP A 444 6.10 9.21 -12.92
N ALA A 445 6.88 8.10 -12.82
CA ALA A 445 6.35 6.77 -12.56
C ALA A 445 5.73 6.71 -11.14
N VAL A 446 6.38 7.38 -10.16
CA VAL A 446 5.89 7.47 -8.77
C VAL A 446 4.59 8.33 -8.77
N GLU A 447 4.58 9.47 -9.49
CA GLU A 447 3.44 10.38 -9.62
C GLU A 447 2.26 9.67 -10.30
N HIS A 448 2.57 8.77 -11.28
CA HIS A 448 1.61 7.93 -12.01
C HIS A 448 0.87 7.06 -11.00
N GLU A 449 1.63 6.45 -10.06
CA GLU A 449 1.07 5.63 -8.98
C GLU A 449 0.17 6.49 -8.09
N VAL A 450 0.60 7.75 -7.80
CA VAL A 450 -0.18 8.68 -6.97
C VAL A 450 -1.55 8.96 -7.62
N THR A 451 -1.57 9.33 -8.93
CA THR A 451 -2.81 9.62 -9.68
C THR A 451 -3.69 8.37 -9.84
N ARG A 452 -3.07 7.19 -9.93
CA ARG A 452 -3.75 5.91 -10.10
C ARG A 452 -4.36 5.39 -8.80
N CYS A 453 -3.69 5.60 -7.65
CA CYS A 453 -4.11 5.02 -6.37
C CYS A 453 -4.74 6.01 -5.39
N LEU A 454 -4.55 7.32 -5.59
CA LEU A 454 -5.07 8.30 -4.65
C LEU A 454 -6.04 9.32 -5.30
N PRO A 455 -7.38 9.13 -5.13
CA PRO A 455 -8.33 10.11 -5.69
C PRO A 455 -8.15 11.51 -5.09
N PRO A 456 -8.39 12.60 -5.85
CA PRO A 456 -8.19 13.95 -5.28
C PRO A 456 -9.22 14.25 -4.20
N LEU A 457 -8.81 15.02 -3.17
CA LEU A 457 -9.67 15.41 -2.06
C LEU A 457 -10.02 16.89 -2.15
N ALA B 7 31.80 -29.93 -6.45
CA ALA B 7 30.84 -29.25 -7.35
C ALA B 7 29.71 -28.55 -6.57
N ARG B 8 29.40 -27.29 -6.93
CA ARG B 8 28.33 -26.54 -6.27
C ARG B 8 26.96 -27.18 -6.56
N GLN B 9 26.08 -27.22 -5.57
CA GLN B 9 24.77 -27.89 -5.67
C GLN B 9 23.63 -26.90 -5.77
N VAL B 10 22.61 -27.25 -6.56
CA VAL B 10 21.41 -26.43 -6.69
C VAL B 10 20.17 -27.31 -6.93
N THR B 11 19.05 -26.86 -6.33
CA THR B 11 17.73 -27.49 -6.48
C THR B 11 16.86 -26.46 -7.17
N ILE B 12 16.25 -26.83 -8.29
CA ILE B 12 15.38 -25.94 -9.03
C ILE B 12 13.95 -26.48 -8.99
N ILE B 13 12.99 -25.59 -8.70
CA ILE B 13 11.58 -25.98 -8.71
C ILE B 13 10.94 -25.39 -9.94
N GLY B 14 10.45 -26.26 -10.80
CA GLY B 14 9.71 -25.86 -12.00
C GLY B 14 10.51 -26.07 -13.26
N ALA B 15 10.15 -27.11 -14.01
CA ALA B 15 10.80 -27.42 -15.29
C ALA B 15 9.98 -26.80 -16.43
N GLY B 16 9.81 -25.48 -16.34
CA GLY B 16 9.11 -24.69 -17.34
C GLY B 16 10.12 -24.11 -18.30
N LEU B 17 10.07 -22.83 -18.56
CA LEU B 17 11.01 -22.23 -19.50
C LEU B 17 12.27 -21.68 -18.81
N ALA B 18 12.12 -20.86 -17.78
CA ALA B 18 13.29 -20.34 -17.07
C ALA B 18 14.05 -21.47 -16.31
N GLY B 19 13.31 -22.35 -15.63
CA GLY B 19 13.90 -23.40 -14.79
C GLY B 19 14.76 -24.36 -15.57
N THR B 20 14.27 -24.77 -16.74
CA THR B 20 15.00 -25.71 -17.60
CA THR B 20 14.98 -25.71 -17.57
C THR B 20 16.21 -25.03 -18.22
N LEU B 21 16.07 -23.76 -18.64
CA LEU B 21 17.22 -23.06 -19.22
C LEU B 21 18.31 -22.86 -18.16
N VAL B 22 17.94 -22.39 -16.95
CA VAL B 22 18.96 -22.19 -15.93
C VAL B 22 19.61 -23.56 -15.52
N ALA B 23 18.85 -24.68 -15.55
CA ALA B 23 19.35 -26.01 -15.26
C ALA B 23 20.45 -26.39 -16.26
N ARG B 24 20.25 -26.12 -17.55
CA ARG B 24 21.25 -26.42 -18.58
C ARG B 24 22.52 -25.57 -18.39
N LEU B 25 22.34 -24.26 -18.17
CA LEU B 25 23.49 -23.34 -18.02
C LEU B 25 24.37 -23.69 -16.83
N LEU B 26 23.73 -24.02 -15.69
CA LEU B 26 24.45 -24.40 -14.49
C LEU B 26 25.09 -25.78 -14.64
N ALA B 27 24.33 -26.77 -15.16
CA ALA B 27 24.86 -28.14 -15.29
C ALA B 27 26.07 -28.20 -16.23
N ARG B 28 26.02 -27.45 -17.34
CA ARG B 28 27.17 -27.51 -18.25
C ARG B 28 28.42 -26.79 -17.68
N ASN B 29 28.22 -25.95 -16.63
CA ASN B 29 29.29 -25.31 -15.87
C ASN B 29 29.72 -26.19 -14.66
N GLY B 30 29.27 -27.45 -14.66
CA GLY B 30 29.64 -28.43 -13.64
C GLY B 30 28.89 -28.45 -12.32
N TRP B 31 27.80 -27.67 -12.21
CA TRP B 31 26.98 -27.69 -10.99
C TRP B 31 26.22 -29.04 -10.92
N GLN B 32 25.95 -29.53 -9.69
CA GLN B 32 25.13 -30.71 -9.49
C GLN B 32 23.69 -30.12 -9.45
N VAL B 33 22.90 -30.42 -10.48
CA VAL B 33 21.56 -29.82 -10.64
C VAL B 33 20.46 -30.88 -10.50
N ASN B 34 19.50 -30.62 -9.60
CA ASN B 34 18.29 -31.44 -9.48
C ASN B 34 17.10 -30.51 -9.71
N LEU B 35 16.28 -30.86 -10.69
CA LEU B 35 15.12 -30.06 -11.11
C LEU B 35 13.84 -30.84 -10.81
N PHE B 36 12.94 -30.24 -10.04
CA PHE B 36 11.67 -30.87 -9.64
C PHE B 36 10.48 -30.23 -10.37
N GLU B 37 9.62 -31.05 -10.96
CA GLU B 37 8.48 -30.57 -11.72
C GLU B 37 7.20 -31.26 -11.24
N ARG B 38 6.13 -30.48 -10.97
CA ARG B 38 4.84 -31.05 -10.51
C ARG B 38 4.18 -31.92 -11.60
N ARG B 39 4.23 -31.45 -12.85
CA ARG B 39 3.56 -32.14 -13.96
C ARG B 39 4.30 -33.41 -14.41
N PRO B 40 3.66 -34.31 -15.21
CA PRO B 40 4.39 -35.45 -15.76
C PRO B 40 5.36 -34.95 -16.83
N ASP B 41 6.29 -35.83 -17.26
CA ASP B 41 7.23 -35.48 -18.33
C ASP B 41 6.43 -35.38 -19.66
N PRO B 42 6.38 -34.19 -20.31
CA PRO B 42 5.60 -34.05 -21.57
C PRO B 42 6.18 -34.88 -22.72
N ARG B 43 7.43 -35.34 -22.56
CA ARG B 43 8.11 -36.15 -23.59
C ARG B 43 7.61 -37.59 -23.58
N ILE B 44 6.94 -38.01 -22.51
CA ILE B 44 6.39 -39.36 -22.42
C ILE B 44 4.98 -39.33 -23.06
N GLU B 45 4.86 -39.91 -24.24
CA GLU B 45 3.61 -39.96 -24.97
C GLU B 45 2.52 -40.73 -24.24
N THR B 46 1.35 -40.10 -24.11
CA THR B 46 0.17 -40.75 -23.51
C THR B 46 -0.96 -40.69 -24.56
N GLY B 47 -2.14 -41.19 -24.20
CA GLY B 47 -3.28 -41.14 -25.08
C GLY B 47 -4.05 -39.83 -24.97
N ALA B 48 -3.58 -38.90 -24.13
CA ALA B 48 -4.25 -37.61 -23.92
C ALA B 48 -3.90 -36.65 -25.04
N ARG B 49 -4.80 -35.72 -25.34
CA ARG B 49 -4.57 -34.72 -26.39
C ARG B 49 -3.71 -33.56 -25.85
N GLY B 50 -2.60 -33.28 -26.54
CA GLY B 50 -1.72 -32.17 -26.18
C GLY B 50 -2.32 -30.86 -26.68
N ARG B 51 -2.30 -29.80 -25.87
CA ARG B 51 -2.84 -28.50 -26.25
C ARG B 51 -2.10 -27.34 -25.60
N SER B 52 -1.38 -26.56 -26.42
CA SER B 52 -0.64 -25.41 -25.93
C SER B 52 -0.64 -24.30 -26.97
N ILE B 53 -0.48 -23.09 -26.49
CA ILE B 53 -0.43 -21.93 -27.37
C ILE B 53 0.97 -21.78 -27.92
N ASN B 54 1.09 -20.91 -28.91
CA ASN B 54 2.37 -20.52 -29.49
C ASN B 54 2.76 -19.22 -28.84
N LEU B 55 4.06 -19.02 -28.65
CA LEU B 55 4.61 -17.81 -28.05
C LEU B 55 5.43 -17.04 -29.07
N ALA B 56 5.48 -15.72 -28.92
CA ALA B 56 6.33 -14.87 -29.74
C ALA B 56 7.73 -14.87 -29.10
N LEU B 57 8.69 -15.42 -29.83
CA LEU B 57 10.09 -15.51 -29.42
C LEU B 57 10.80 -14.37 -30.11
N ALA B 58 11.35 -13.46 -29.33
CA ALA B 58 12.03 -12.29 -29.87
C ALA B 58 13.55 -12.33 -29.60
N GLU B 59 14.29 -11.25 -29.90
CA GLU B 59 15.74 -11.25 -29.76
C GLU B 59 16.25 -11.66 -28.37
N ARG B 60 15.62 -11.19 -27.27
CA ARG B 60 16.07 -11.55 -25.90
C ARG B 60 16.00 -13.05 -25.65
N GLY B 61 14.85 -13.66 -25.96
CA GLY B 61 14.71 -15.11 -25.81
C GLY B 61 15.62 -15.84 -26.77
N ALA B 62 15.70 -15.41 -28.05
CA ALA B 62 16.54 -16.09 -29.05
C ALA B 62 18.02 -16.06 -28.66
N HIS B 63 18.51 -14.91 -28.18
CA HIS B 63 19.89 -14.76 -27.74
C HIS B 63 20.17 -15.66 -26.54
N ALA B 64 19.21 -15.77 -25.60
CA ALA B 64 19.38 -16.68 -24.45
C ALA B 64 19.53 -18.13 -24.94
N LEU B 65 18.69 -18.54 -25.91
CA LEU B 65 18.78 -19.88 -26.48
C LEU B 65 20.10 -20.07 -27.25
N ARG B 66 20.56 -19.00 -27.93
CA ARG B 66 21.82 -18.99 -28.70
C ARG B 66 23.01 -19.26 -27.74
N LEU B 67 23.06 -18.55 -26.58
CA LEU B 67 24.09 -18.77 -25.56
C LEU B 67 24.05 -20.21 -25.06
N ALA B 68 22.84 -20.82 -24.94
CA ALA B 68 22.65 -22.19 -24.49
C ALA B 68 22.93 -23.26 -25.57
N GLY B 69 23.11 -22.83 -26.81
CA GLY B 69 23.37 -23.75 -27.93
C GLY B 69 22.10 -24.43 -28.44
N LEU B 70 20.92 -23.85 -28.16
CA LEU B 70 19.63 -24.45 -28.52
C LEU B 70 18.83 -23.67 -29.57
N GLU B 71 19.33 -22.51 -30.02
CA GLU B 71 18.56 -21.65 -30.92
C GLU B 71 18.18 -22.33 -32.25
N ARG B 72 19.15 -22.98 -32.90
CA ARG B 72 18.88 -23.64 -34.19
C ARG B 72 17.78 -24.68 -34.09
N GLU B 73 17.81 -25.51 -33.04
CA GLU B 73 16.78 -26.52 -32.83
C GLU B 73 15.37 -25.90 -32.60
N VAL B 74 15.30 -24.82 -31.79
CA VAL B 74 14.03 -24.14 -31.55
C VAL B 74 13.52 -23.47 -32.82
N LEU B 75 14.39 -22.74 -33.55
CA LEU B 75 13.98 -22.04 -34.76
C LEU B 75 13.51 -22.96 -35.89
N ALA B 76 14.03 -24.21 -35.93
CA ALA B 76 13.59 -25.21 -36.92
C ALA B 76 12.08 -25.49 -36.79
N GLU B 77 11.53 -25.32 -35.57
CA GLU B 77 10.14 -25.59 -35.25
C GLU B 77 9.32 -24.29 -35.09
N ALA B 78 9.83 -23.14 -35.58
CA ALA B 78 9.18 -21.84 -35.42
C ALA B 78 8.75 -21.21 -36.74
N VAL B 79 7.61 -20.52 -36.73
CA VAL B 79 7.09 -19.79 -37.91
C VAL B 79 7.63 -18.37 -37.88
N MET B 80 8.22 -17.93 -39.02
CA MET B 80 8.75 -16.58 -39.15
C MET B 80 7.59 -15.56 -39.21
N MET B 81 7.62 -14.52 -38.38
CA MET B 81 6.62 -13.46 -38.46
C MET B 81 7.40 -12.22 -38.87
N ARG B 82 7.25 -11.84 -40.14
CA ARG B 82 7.97 -10.74 -40.80
C ARG B 82 7.43 -9.36 -40.50
N GLY B 83 6.22 -9.30 -39.98
CA GLY B 83 5.60 -8.03 -39.68
C GLY B 83 4.30 -8.22 -38.94
N ARG B 84 3.66 -7.11 -38.60
CA ARG B 84 2.38 -7.12 -37.93
C ARG B 84 1.26 -6.85 -38.96
N MET B 85 0.23 -7.73 -39.01
CA MET B 85 -0.91 -7.55 -39.90
C MET B 85 -2.06 -6.94 -39.10
N VAL B 86 -2.29 -5.62 -39.26
CA VAL B 86 -3.33 -4.91 -38.50
C VAL B 86 -4.63 -4.91 -39.30
N HIS B 87 -5.70 -5.42 -38.69
CA HIS B 87 -7.02 -5.52 -39.33
C HIS B 87 -7.92 -4.39 -38.78
N VAL B 88 -8.00 -3.23 -39.49
CA VAL B 88 -8.81 -2.07 -39.04
C VAL B 88 -10.06 -1.99 -39.89
N PRO B 89 -11.28 -2.06 -39.30
CA PRO B 89 -12.51 -1.98 -40.13
C PRO B 89 -12.52 -0.74 -41.03
N GLY B 90 -12.88 -0.94 -42.28
CA GLY B 90 -12.92 0.13 -43.27
C GLY B 90 -11.74 0.11 -44.21
N THR B 91 -10.67 -0.62 -43.89
CA THR B 91 -9.50 -0.71 -44.77
C THR B 91 -9.10 -2.20 -44.91
N PRO B 92 -8.46 -2.61 -46.04
CA PRO B 92 -7.98 -4.00 -46.14
C PRO B 92 -6.84 -4.21 -45.11
N PRO B 93 -6.55 -5.44 -44.64
CA PRO B 93 -5.43 -5.62 -43.69
C PRO B 93 -4.12 -5.11 -44.24
N ASN B 94 -3.37 -4.40 -43.38
CA ASN B 94 -2.12 -3.74 -43.71
C ASN B 94 -0.90 -4.36 -43.01
N LEU B 95 0.09 -4.84 -43.80
CA LEU B 95 1.32 -5.40 -43.22
C LEU B 95 2.28 -4.29 -42.84
N GLN B 96 2.69 -4.27 -41.56
CA GLN B 96 3.69 -3.34 -41.05
C GLN B 96 4.97 -4.17 -40.85
N PRO B 97 5.92 -4.16 -41.82
CA PRO B 97 7.13 -4.98 -41.66
C PRO B 97 7.94 -4.62 -40.43
N TYR B 98 8.55 -5.62 -39.78
CA TYR B 98 9.38 -5.34 -38.60
C TYR B 98 10.72 -4.71 -38.96
N GLY B 99 11.30 -5.12 -40.11
CA GLY B 99 12.57 -4.60 -40.60
C GLY B 99 12.66 -4.50 -42.12
N ARG B 100 13.82 -4.04 -42.63
CA ARG B 100 14.09 -3.89 -44.08
C ARG B 100 14.27 -5.24 -44.82
N ASP B 101 14.49 -6.32 -44.05
CA ASP B 101 14.69 -7.69 -44.55
C ASP B 101 14.22 -8.70 -43.49
N ASP B 102 14.43 -10.00 -43.73
CA ASP B 102 14.07 -11.06 -42.79
C ASP B 102 15.08 -11.16 -41.61
N SER B 103 15.75 -10.01 -41.31
CA SER B 103 16.72 -9.81 -40.22
C SER B 103 15.91 -9.52 -38.95
N GLU B 104 14.97 -8.54 -39.02
CA GLU B 104 14.06 -8.18 -37.94
C GLU B 104 12.76 -9.00 -38.11
N VAL B 105 12.64 -10.05 -37.30
CA VAL B 105 11.49 -10.96 -37.33
C VAL B 105 11.20 -11.39 -35.90
N ILE B 106 9.98 -11.88 -35.67
CA ILE B 106 9.56 -12.47 -34.39
C ILE B 106 9.23 -13.91 -34.79
N TRP B 107 9.55 -14.87 -33.94
CA TRP B 107 9.30 -16.28 -34.23
C TRP B 107 8.09 -16.77 -33.44
N SER B 108 7.21 -17.54 -34.07
CA SER B 108 6.04 -18.11 -33.37
C SER B 108 6.42 -19.58 -33.07
N ILE B 109 6.60 -19.92 -31.78
CA ILE B 109 7.04 -21.26 -31.35
C ILE B 109 6.00 -21.87 -30.39
N ASN B 110 5.63 -23.11 -30.60
CA ASN B 110 4.71 -23.79 -29.72
C ASN B 110 5.36 -23.96 -28.33
N ARG B 111 4.64 -23.61 -27.28
CA ARG B 111 5.13 -23.68 -25.89
C ARG B 111 5.64 -25.07 -25.50
N ASP B 112 4.84 -26.12 -25.79
CA ASP B 112 5.21 -27.49 -25.44
C ASP B 112 6.46 -27.94 -26.21
N ARG B 113 6.58 -27.59 -27.52
CA ARG B 113 7.75 -27.93 -28.34
C ARG B 113 9.00 -27.29 -27.71
N LEU B 114 8.88 -26.02 -27.34
CA LEU B 114 9.98 -25.28 -26.71
C LEU B 114 10.38 -25.95 -25.38
N ASN B 115 9.38 -26.29 -24.55
CA ASN B 115 9.65 -26.94 -23.27
C ASN B 115 10.39 -28.29 -23.44
N ARG B 116 9.98 -29.10 -24.44
CA ARG B 116 10.60 -30.39 -24.71
CA ARG B 116 10.58 -30.40 -24.74
C ARG B 116 12.06 -30.26 -25.12
N ILE B 117 12.35 -29.27 -25.98
CA ILE B 117 13.72 -28.98 -26.44
C ILE B 117 14.57 -28.57 -25.21
N LEU B 118 14.02 -27.71 -24.36
CA LEU B 118 14.73 -27.28 -23.15
C LEU B 118 14.97 -28.44 -22.20
N LEU B 119 13.98 -29.34 -22.00
CA LEU B 119 14.15 -30.53 -21.15
C LEU B 119 15.31 -31.41 -21.63
N ASP B 120 15.34 -31.71 -22.92
CA ASP B 120 16.39 -32.52 -23.53
C ASP B 120 17.75 -31.82 -23.33
N GLY B 121 17.77 -30.49 -23.51
CA GLY B 121 18.96 -29.65 -23.34
C GLY B 121 19.50 -29.70 -21.92
N ALA B 122 18.61 -29.64 -20.91
CA ALA B 122 19.04 -29.67 -19.51
C ALA B 122 19.63 -31.04 -19.17
N GLU B 123 18.99 -32.12 -19.63
CA GLU B 123 19.48 -33.48 -19.39
C GLU B 123 20.80 -33.77 -20.10
N ALA B 124 20.95 -33.26 -21.34
CA ALA B 124 22.20 -33.43 -22.11
C ALA B 124 23.38 -32.76 -21.37
N ALA B 125 23.11 -31.66 -20.65
CA ALA B 125 24.13 -30.91 -19.90
C ALA B 125 24.48 -31.58 -18.55
N GLY B 126 23.67 -32.54 -18.13
CA GLY B 126 23.90 -33.27 -16.90
C GLY B 126 22.92 -33.01 -15.76
N ALA B 127 21.86 -32.20 -15.98
CA ALA B 127 20.87 -31.97 -14.92
C ALA B 127 20.00 -33.22 -14.74
N SER B 128 19.56 -33.48 -13.50
CA SER B 128 18.63 -34.59 -13.24
C SER B 128 17.24 -33.97 -13.07
N ILE B 129 16.27 -34.47 -13.82
CA ILE B 129 14.88 -33.93 -13.76
C ILE B 129 13.94 -34.98 -13.16
N HIS B 130 13.20 -34.56 -12.12
CA HIS B 130 12.26 -35.39 -11.36
C HIS B 130 10.84 -34.87 -11.56
N PHE B 131 10.02 -35.61 -12.30
CA PHE B 131 8.65 -35.16 -12.59
C PHE B 131 7.68 -35.71 -11.56
N ASN B 132 6.40 -35.25 -11.62
CA ASN B 132 5.32 -35.73 -10.72
C ASN B 132 5.63 -35.44 -9.24
N LEU B 133 6.35 -34.31 -8.99
CA LEU B 133 6.71 -33.90 -7.63
C LEU B 133 6.56 -32.40 -7.49
N GLY B 134 5.50 -32.00 -6.78
CA GLY B 134 5.21 -30.59 -6.57
C GLY B 134 5.73 -30.13 -5.23
N LEU B 135 6.37 -28.96 -5.19
CA LEU B 135 6.83 -28.42 -3.94
C LEU B 135 5.62 -27.97 -3.13
N ASP B 136 5.57 -28.40 -1.86
CA ASP B 136 4.50 -28.05 -0.93
C ASP B 136 4.93 -27.02 0.09
N SER B 137 6.15 -27.15 0.63
CA SER B 137 6.64 -26.26 1.68
C SER B 137 8.16 -26.31 1.79
N VAL B 138 8.71 -25.30 2.44
CA VAL B 138 10.16 -25.15 2.66
C VAL B 138 10.40 -24.81 4.12
N ASP B 139 11.38 -25.47 4.74
CA ASP B 139 11.82 -25.14 6.09
C ASP B 139 13.21 -24.54 5.88
N PHE B 140 13.26 -23.21 5.81
CA PHE B 140 14.51 -22.47 5.58
C PHE B 140 15.56 -22.68 6.70
N ALA B 141 15.12 -22.69 7.95
CA ALA B 141 16.00 -22.87 9.12
C ALA B 141 16.69 -24.25 9.09
N ARG B 142 15.93 -25.31 8.79
CA ARG B 142 16.46 -26.67 8.68
C ARG B 142 17.02 -26.99 7.30
N GLN B 143 16.85 -26.08 6.31
CA GLN B 143 17.32 -26.25 4.91
C GLN B 143 16.74 -27.54 4.30
N ARG B 144 15.45 -27.76 4.53
CA ARG B 144 14.76 -28.92 4.02
C ARG B 144 13.50 -28.45 3.28
N LEU B 145 13.02 -29.25 2.35
CA LEU B 145 11.77 -28.94 1.65
C LEU B 145 10.91 -30.18 1.55
N THR B 146 9.61 -29.98 1.31
CA THR B 146 8.65 -31.07 1.21
C THR B 146 8.03 -31.02 -0.16
N LEU B 147 8.06 -32.16 -0.83
CA LEU B 147 7.45 -32.36 -2.14
C LEU B 147 6.38 -33.44 -2.02
N SER B 148 5.45 -33.47 -2.96
CA SER B 148 4.44 -34.53 -3.02
C SER B 148 3.96 -34.78 -4.42
N ASN B 149 3.51 -36.02 -4.67
CA ASN B 149 2.86 -36.35 -5.94
C ASN B 149 1.37 -35.89 -5.82
N VAL B 150 0.56 -36.03 -6.89
CA VAL B 150 -0.85 -35.62 -6.94
C VAL B 150 -1.69 -36.25 -5.78
N SER B 151 -1.36 -37.48 -5.38
CA SER B 151 -2.02 -38.21 -4.28
C SER B 151 -1.68 -37.66 -2.88
N GLY B 152 -0.69 -36.76 -2.80
CA GLY B 152 -0.28 -36.17 -1.53
C GLY B 152 0.75 -36.96 -0.75
N GLU B 153 1.32 -38.04 -1.35
CA GLU B 153 2.40 -38.86 -0.77
C GLU B 153 3.62 -37.93 -0.70
N ARG B 154 4.09 -37.62 0.53
CA ARG B 154 5.17 -36.67 0.77
C ARG B 154 6.58 -37.24 0.74
N LEU B 155 7.54 -36.39 0.37
CA LEU B 155 8.95 -36.71 0.26
C LEU B 155 9.73 -35.45 0.70
N GLU B 156 10.62 -35.61 1.69
CA GLU B 156 11.45 -34.50 2.18
C GLU B 156 12.84 -34.59 1.55
N LYS B 157 13.43 -33.44 1.25
CA LYS B 157 14.77 -33.37 0.66
C LYS B 157 15.51 -32.24 1.32
N ARG B 158 16.82 -32.45 1.51
CA ARG B 158 17.70 -31.39 1.99
C ARG B 158 18.03 -30.54 0.75
N PHE B 159 18.27 -29.22 0.93
CA PHE B 159 18.69 -28.36 -0.20
C PHE B 159 19.81 -27.43 0.28
N HIS B 160 20.62 -26.93 -0.66
CA HIS B 160 21.71 -25.98 -0.37
C HIS B 160 21.37 -24.62 -0.98
N LEU B 161 20.91 -24.60 -2.23
CA LEU B 161 20.45 -23.40 -2.93
C LEU B 161 19.16 -23.77 -3.64
N LEU B 162 18.14 -22.95 -3.45
CA LEU B 162 16.82 -23.22 -4.00
C LEU B 162 16.44 -22.16 -5.04
N ILE B 163 16.12 -22.59 -6.26
CA ILE B 163 15.69 -21.66 -7.32
C ILE B 163 14.20 -21.88 -7.60
N GLY B 164 13.42 -20.83 -7.37
CA GLY B 164 11.99 -20.85 -7.66
C GLY B 164 11.73 -20.42 -9.10
N ALA B 165 11.59 -21.40 -10.01
CA ALA B 165 11.28 -21.12 -11.43
C ALA B 165 9.89 -21.77 -11.65
N ASP B 166 9.03 -21.67 -10.64
CA ASP B 166 7.77 -22.39 -10.59
C ASP B 166 6.53 -21.54 -10.95
N GLY B 167 6.70 -20.55 -11.83
CA GLY B 167 5.58 -19.83 -12.45
C GLY B 167 4.82 -18.83 -11.62
N CYS B 168 3.73 -18.28 -12.19
CA CYS B 168 3.01 -17.16 -11.59
C CYS B 168 2.41 -17.43 -10.22
N ASN B 169 2.06 -18.68 -9.90
CA ASN B 169 1.52 -19.09 -8.60
C ASN B 169 2.58 -19.85 -7.77
N SER B 170 3.82 -19.42 -7.89
CA SER B 170 5.02 -19.98 -7.26
C SER B 170 4.83 -20.45 -5.81
N ALA B 171 5.12 -21.74 -5.57
CA ALA B 171 5.17 -22.31 -4.22
C ALA B 171 6.42 -21.82 -3.48
N VAL B 172 7.56 -21.61 -4.21
CA VAL B 172 8.79 -21.11 -3.58
C VAL B 172 8.52 -19.69 -3.05
N ARG B 173 7.86 -18.85 -3.86
CA ARG B 173 7.51 -17.48 -3.43
C ARG B 173 6.62 -17.52 -2.17
N GLN B 174 5.64 -18.42 -2.15
CA GLN B 174 4.75 -18.54 -0.98
C GLN B 174 5.56 -18.96 0.29
N ALA B 175 6.50 -19.90 0.12
CA ALA B 175 7.35 -20.34 1.25
C ALA B 175 8.24 -19.18 1.73
N MET B 176 8.81 -18.37 0.81
CA MET B 176 9.66 -17.23 1.18
C MET B 176 8.90 -16.20 2.00
N ALA B 177 7.60 -15.97 1.68
CA ALA B 177 6.73 -14.98 2.35
C ALA B 177 6.55 -15.27 3.83
N SER B 178 6.82 -16.51 4.24
CA SER B 178 6.73 -16.89 5.64
C SER B 178 8.00 -16.56 6.46
N VAL B 179 9.13 -16.27 5.79
CA VAL B 179 10.39 -15.94 6.48
C VAL B 179 10.83 -14.49 6.24
N VAL B 180 10.35 -13.88 5.16
CA VAL B 180 10.70 -12.50 4.81
C VAL B 180 9.46 -11.79 4.25
N ASP B 181 9.40 -10.46 4.42
CA ASP B 181 8.32 -9.67 3.82
C ASP B 181 8.80 -9.41 2.38
N LEU B 182 8.10 -9.95 1.39
CA LEU B 182 8.49 -9.78 0.00
C LEU B 182 8.06 -8.44 -0.61
N GLY B 183 7.27 -7.68 0.14
CA GLY B 183 6.76 -6.36 -0.28
C GLY B 183 5.97 -6.46 -1.56
N GLU B 184 5.08 -7.46 -1.62
CA GLU B 184 4.25 -7.77 -2.77
C GLU B 184 3.12 -6.76 -3.00
N HIS B 185 2.90 -6.40 -4.25
CA HIS B 185 1.86 -5.47 -4.69
C HIS B 185 1.19 -6.09 -5.92
N LEU B 186 -0.08 -6.47 -5.79
CA LEU B 186 -0.83 -7.08 -6.89
C LEU B 186 -1.70 -6.02 -7.59
N GLU B 187 -1.60 -5.97 -8.91
CA GLU B 187 -2.41 -5.05 -9.72
C GLU B 187 -3.23 -5.92 -10.65
N THR B 188 -4.51 -6.07 -10.32
CA THR B 188 -5.44 -6.85 -11.14
C THR B 188 -5.66 -6.13 -12.48
N GLN B 189 -6.08 -6.88 -13.49
CA GLN B 189 -6.33 -6.38 -14.84
C GLN B 189 -7.81 -6.61 -15.15
N PRO B 190 -8.56 -5.57 -15.61
CA PRO B 190 -9.99 -5.78 -15.94
C PRO B 190 -10.27 -6.74 -17.11
N HIS B 191 -9.28 -6.95 -18.01
CA HIS B 191 -9.46 -7.85 -19.15
C HIS B 191 -9.24 -9.30 -18.81
N GLY B 192 -10.16 -10.12 -19.28
CA GLY B 192 -10.03 -11.57 -19.25
C GLY B 192 -9.61 -11.95 -20.66
N TYR B 193 -9.31 -13.23 -20.89
CA TYR B 193 -8.96 -13.68 -22.24
C TYR B 193 -9.59 -15.02 -22.57
N LYS B 194 -9.82 -15.26 -23.86
CA LYS B 194 -10.39 -16.52 -24.33
C LYS B 194 -9.66 -16.91 -25.59
N GLU B 195 -9.22 -18.17 -25.64
CA GLU B 195 -8.52 -18.73 -26.80
C GLU B 195 -9.50 -19.37 -27.75
N LEU B 196 -9.37 -19.04 -29.04
CA LEU B 196 -10.24 -19.53 -30.10
C LEU B 196 -9.35 -20.07 -31.21
N GLN B 197 -9.89 -20.91 -32.10
CA GLN B 197 -9.03 -21.53 -33.11
C GLN B 197 -9.49 -21.26 -34.52
N ILE B 198 -8.51 -21.12 -35.41
CA ILE B 198 -8.72 -21.04 -36.85
C ILE B 198 -7.99 -22.29 -37.34
N THR B 199 -8.73 -23.17 -38.03
CA THR B 199 -8.13 -24.40 -38.56
C THR B 199 -7.21 -24.07 -39.78
N PRO B 200 -6.34 -25.02 -40.19
CA PRO B 200 -5.52 -24.79 -41.40
C PRO B 200 -6.38 -24.59 -42.67
N GLU B 201 -7.53 -25.31 -42.78
CA GLU B 201 -8.43 -25.18 -43.95
C GLU B 201 -9.02 -23.77 -44.01
N ALA B 202 -9.51 -23.25 -42.86
CA ALA B 202 -10.12 -21.92 -42.77
C ALA B 202 -9.11 -20.79 -43.03
N SER B 203 -7.90 -20.87 -42.43
CA SER B 203 -6.90 -19.82 -42.64
C SER B 203 -6.50 -19.78 -44.13
N ALA B 204 -6.39 -20.97 -44.80
CA ALA B 204 -6.04 -21.03 -46.23
C ALA B 204 -7.19 -20.48 -47.09
N GLN B 205 -8.45 -20.87 -46.77
CA GLN B 205 -9.65 -20.43 -47.51
C GLN B 205 -9.77 -18.90 -47.48
N PHE B 206 -9.48 -18.28 -46.33
CA PHE B 206 -9.61 -16.84 -46.17
C PHE B 206 -8.31 -16.07 -46.42
N ASN B 207 -7.25 -16.75 -46.91
CA ASN B 207 -5.96 -16.14 -47.25
C ASN B 207 -5.32 -15.38 -46.08
N LEU B 208 -5.42 -15.95 -44.86
CA LEU B 208 -4.81 -15.31 -43.68
C LEU B 208 -3.29 -15.56 -43.72
N GLU B 209 -2.50 -14.47 -43.79
CA GLU B 209 -1.04 -14.51 -43.94
C GLU B 209 -0.33 -15.35 -42.84
N PRO B 210 0.32 -16.49 -43.17
CA PRO B 210 0.96 -17.29 -42.10
C PRO B 210 2.22 -16.64 -41.52
N ASN B 211 2.94 -15.82 -42.31
CA ASN B 211 4.22 -15.28 -41.81
C ASN B 211 4.08 -13.87 -41.25
N ALA B 212 3.08 -13.69 -40.39
CA ALA B 212 2.80 -12.42 -39.74
C ALA B 212 2.06 -12.64 -38.44
N LEU B 213 2.16 -11.67 -37.52
CA LEU B 213 1.44 -11.64 -36.25
C LEU B 213 0.21 -10.77 -36.55
N HIS B 214 -1.01 -11.26 -36.26
CA HIS B 214 -2.23 -10.52 -36.60
C HIS B 214 -2.90 -9.84 -35.43
N ILE B 215 -3.37 -8.61 -35.64
CA ILE B 215 -4.13 -7.89 -34.60
C ILE B 215 -5.45 -7.33 -35.16
N TRP B 216 -6.54 -7.44 -34.36
CA TRP B 216 -7.87 -6.87 -34.64
C TRP B 216 -8.13 -5.87 -33.51
N PRO B 217 -7.62 -4.62 -33.63
CA PRO B 217 -7.86 -3.64 -32.55
C PRO B 217 -9.33 -3.20 -32.46
N HIS B 218 -9.84 -3.00 -31.25
CA HIS B 218 -11.23 -2.52 -31.08
C HIS B 218 -11.39 -1.69 -29.79
N GLY B 219 -10.38 -0.85 -29.49
CA GLY B 219 -10.40 0.04 -28.33
C GLY B 219 -10.28 -0.68 -27.01
N ASP B 220 -11.39 -0.81 -26.27
CA ASP B 220 -11.40 -1.49 -24.97
C ASP B 220 -11.28 -3.02 -25.06
N TYR B 221 -11.40 -3.58 -26.26
CA TYR B 221 -11.22 -5.01 -26.47
C TYR B 221 -10.48 -5.24 -27.77
N MET B 222 -9.97 -6.44 -27.99
CA MET B 222 -9.20 -6.75 -29.22
C MET B 222 -8.96 -8.22 -29.35
N CYS B 223 -8.53 -8.64 -30.55
CA CYS B 223 -8.12 -10.00 -30.82
C CYS B 223 -6.69 -9.96 -31.38
N ILE B 224 -5.93 -11.01 -31.10
CA ILE B 224 -4.58 -11.19 -31.65
C ILE B 224 -4.51 -12.63 -32.14
N ALA B 225 -3.70 -12.93 -33.15
CA ALA B 225 -3.54 -14.30 -33.63
C ALA B 225 -2.09 -14.56 -34.01
N LEU B 226 -1.53 -15.68 -33.57
CA LEU B 226 -0.20 -16.09 -33.93
C LEU B 226 -0.33 -17.37 -34.76
N PRO B 227 0.47 -17.51 -35.83
CA PRO B 227 0.40 -18.73 -36.65
C PRO B 227 1.09 -19.93 -36.04
N ASN B 228 0.62 -21.12 -36.40
CA ASN B 228 1.25 -22.39 -36.05
C ASN B 228 1.89 -23.00 -37.28
N LEU B 229 2.82 -23.96 -37.08
CA LEU B 229 3.52 -24.64 -38.18
C LEU B 229 2.58 -25.28 -39.20
N ASP B 230 1.43 -25.75 -38.71
CA ASP B 230 0.50 -26.43 -39.60
C ASP B 230 -0.55 -25.47 -40.22
N ARG B 231 -0.32 -24.14 -40.12
CA ARG B 231 -1.20 -23.11 -40.70
C ARG B 231 -2.47 -22.88 -39.88
N SER B 232 -2.65 -23.57 -38.75
CA SER B 232 -3.76 -23.21 -37.86
C SER B 232 -3.29 -21.93 -37.14
N PHE B 233 -4.23 -21.18 -36.54
CA PHE B 233 -3.88 -20.00 -35.75
C PHE B 233 -4.61 -20.10 -34.42
N THR B 234 -3.95 -19.65 -33.35
CA THR B 234 -4.64 -19.51 -32.07
C THR B 234 -4.99 -18.03 -31.98
N VAL B 235 -6.30 -17.72 -31.88
CA VAL B 235 -6.81 -16.34 -31.78
C VAL B 235 -7.13 -16.08 -30.28
N THR B 236 -6.62 -14.98 -29.71
CA THR B 236 -6.94 -14.63 -28.33
C THR B 236 -7.76 -13.35 -28.31
N LEU B 237 -8.91 -13.42 -27.66
CA LEU B 237 -9.81 -12.30 -27.46
C LEU B 237 -9.48 -11.72 -26.08
N PHE B 238 -9.21 -10.40 -26.00
CA PHE B 238 -9.01 -9.73 -24.71
C PHE B 238 -10.24 -8.86 -24.50
N LEU B 239 -11.01 -9.09 -23.44
CA LEU B 239 -12.28 -8.40 -23.22
C LEU B 239 -12.54 -8.28 -21.71
N HIS B 240 -13.13 -7.16 -21.28
CA HIS B 240 -13.42 -6.95 -19.85
C HIS B 240 -14.25 -8.11 -19.30
N HIS B 241 -13.93 -8.58 -18.07
CA HIS B 241 -14.72 -9.63 -17.43
C HIS B 241 -16.16 -9.10 -17.21
N GLN B 242 -16.27 -7.85 -16.74
CA GLN B 242 -17.54 -7.19 -16.43
C GLN B 242 -17.64 -5.78 -17.01
N SER B 243 -18.87 -5.34 -17.32
CA SER B 243 -19.14 -4.00 -17.86
C SER B 243 -19.06 -3.03 -16.67
N PRO B 244 -18.38 -1.86 -16.79
CA PRO B 244 -18.30 -0.94 -15.64
C PRO B 244 -19.63 -0.24 -15.40
N ALA B 245 -19.80 0.34 -14.19
CA ALA B 245 -21.02 1.08 -13.80
C ALA B 245 -21.26 2.30 -14.70
N ALA B 246 -20.17 2.96 -15.15
CA ALA B 246 -20.20 4.13 -16.04
C ALA B 246 -20.69 3.80 -17.45
N GLN B 247 -20.33 2.60 -17.96
CA GLN B 247 -20.74 2.12 -19.28
C GLN B 247 -21.44 0.73 -19.16
N PRO B 248 -22.71 0.67 -18.69
CA PRO B 248 -23.37 -0.63 -18.51
C PRO B 248 -23.60 -1.45 -19.79
N ALA B 249 -23.73 -0.76 -20.94
CA ALA B 249 -23.96 -1.39 -22.24
C ALA B 249 -22.67 -1.93 -22.91
N SER B 250 -21.48 -1.45 -22.48
CA SER B 250 -20.18 -1.85 -23.03
C SER B 250 -19.94 -3.37 -23.01
N PRO B 251 -19.42 -3.95 -24.13
CA PRO B 251 -19.19 -5.40 -24.17
C PRO B 251 -18.33 -5.92 -23.02
N SER B 252 -18.62 -7.15 -22.57
CA SER B 252 -17.88 -7.82 -21.50
C SER B 252 -18.18 -9.30 -21.57
N PHE B 253 -17.35 -10.14 -20.93
CA PHE B 253 -17.59 -11.59 -20.89
C PHE B 253 -18.90 -11.91 -20.16
N ALA B 254 -19.28 -11.09 -19.16
CA ALA B 254 -20.54 -11.24 -18.41
C ALA B 254 -21.75 -11.22 -19.35
N GLN B 255 -21.72 -10.41 -20.43
CA GLN B 255 -22.83 -10.31 -21.40
C GLN B 255 -22.87 -11.50 -22.36
N LEU B 256 -21.74 -12.20 -22.55
CA LEU B 256 -21.63 -13.32 -23.49
C LEU B 256 -21.91 -14.62 -22.75
N VAL B 257 -23.20 -14.86 -22.46
CA VAL B 257 -23.71 -15.99 -21.68
C VAL B 257 -23.39 -17.35 -22.32
N ASP B 258 -23.40 -17.41 -23.66
CA ASP B 258 -23.11 -18.66 -24.36
C ASP B 258 -22.41 -18.42 -25.71
N GLY B 259 -22.08 -19.50 -26.39
CA GLY B 259 -21.45 -19.47 -27.71
C GLY B 259 -22.23 -18.71 -28.77
N HIS B 260 -23.59 -18.76 -28.70
CA HIS B 260 -24.45 -18.05 -29.66
C HIS B 260 -24.34 -16.53 -29.50
N ALA B 261 -24.32 -16.02 -28.25
CA ALA B 261 -24.12 -14.59 -28.00
C ALA B 261 -22.69 -14.18 -28.48
N ALA B 262 -21.66 -15.04 -28.22
CA ALA B 262 -20.29 -14.79 -28.66
C ALA B 262 -20.23 -14.68 -30.19
N ARG B 263 -20.96 -15.56 -30.90
CA ARG B 263 -21.03 -15.53 -32.36
C ARG B 263 -21.62 -14.19 -32.86
N ARG B 264 -22.73 -13.72 -32.27
CA ARG B 264 -23.38 -12.47 -32.65
C ARG B 264 -22.46 -11.29 -32.41
N PHE B 265 -21.73 -11.29 -31.28
CA PHE B 265 -20.74 -10.27 -30.93
C PHE B 265 -19.60 -10.19 -32.01
N PHE B 266 -19.03 -11.35 -32.40
CA PHE B 266 -17.98 -11.42 -33.44
C PHE B 266 -18.52 -10.98 -34.80
N GLN B 267 -19.75 -11.38 -35.15
CA GLN B 267 -20.34 -10.99 -36.42
C GLN B 267 -20.51 -9.48 -36.53
N ARG B 268 -20.86 -8.83 -35.42
CA ARG B 268 -21.05 -7.38 -35.36
C ARG B 268 -19.75 -6.58 -35.25
N GLN B 269 -18.84 -6.99 -34.35
CA GLN B 269 -17.62 -6.25 -34.02
C GLN B 269 -16.33 -6.71 -34.72
N PHE B 270 -16.22 -8.00 -35.10
CA PHE B 270 -15.06 -8.51 -35.84
C PHE B 270 -15.57 -9.24 -37.10
N PRO B 271 -16.29 -8.54 -38.04
CA PRO B 271 -16.89 -9.25 -39.19
C PRO B 271 -15.94 -9.98 -40.14
N ASP B 272 -14.70 -9.53 -40.29
CA ASP B 272 -13.75 -10.24 -41.16
C ASP B 272 -13.11 -11.47 -40.47
N LEU B 273 -13.27 -11.57 -39.15
CA LEU B 273 -12.72 -12.63 -38.32
C LEU B 273 -13.68 -13.79 -38.03
N SER B 274 -14.93 -13.46 -37.71
CA SER B 274 -15.98 -14.43 -37.40
C SER B 274 -16.07 -15.60 -38.43
N PRO B 275 -16.04 -15.38 -39.78
CA PRO B 275 -16.15 -16.52 -40.72
C PRO B 275 -15.02 -17.54 -40.65
N MET B 276 -13.84 -17.14 -40.09
CA MET B 276 -12.68 -18.04 -39.94
C MET B 276 -12.76 -18.87 -38.67
N LEU B 277 -13.63 -18.48 -37.74
CA LEU B 277 -13.74 -19.16 -36.46
C LEU B 277 -14.87 -20.18 -36.50
N ASP B 278 -14.61 -21.35 -37.12
CA ASP B 278 -15.61 -22.41 -37.29
C ASP B 278 -16.14 -22.99 -35.99
N SER B 279 -15.29 -23.08 -34.96
CA SER B 279 -15.70 -23.66 -33.69
C SER B 279 -15.86 -22.61 -32.59
N LEU B 280 -16.19 -21.36 -32.97
CA LEU B 280 -16.34 -20.23 -32.05
C LEU B 280 -17.22 -20.57 -30.84
N GLU B 281 -18.42 -21.10 -31.09
CA GLU B 281 -19.42 -21.45 -30.06
C GLU B 281 -18.87 -22.45 -29.04
N GLN B 282 -18.30 -23.57 -29.52
CA GLN B 282 -17.71 -24.62 -28.69
C GLN B 282 -16.48 -24.14 -27.93
N ASP B 283 -15.55 -23.43 -28.63
CA ASP B 283 -14.34 -22.89 -28.00
C ASP B 283 -14.72 -21.95 -26.87
N PHE B 284 -15.70 -21.06 -27.10
CA PHE B 284 -16.15 -20.10 -26.09
C PHE B 284 -16.70 -20.75 -24.83
N GLU B 285 -17.52 -21.80 -24.98
CA GLU B 285 -18.13 -22.51 -23.86
C GLU B 285 -17.19 -23.50 -23.16
N HIS B 286 -16.25 -24.13 -23.90
CA HIS B 286 -15.37 -25.15 -23.31
C HIS B 286 -14.01 -24.63 -22.82
N HIS B 287 -13.49 -23.53 -23.41
CA HIS B 287 -12.21 -22.97 -22.94
C HIS B 287 -12.51 -21.97 -21.83
N PRO B 288 -11.91 -22.12 -20.63
CA PRO B 288 -12.21 -21.17 -19.55
C PRO B 288 -11.64 -19.76 -19.81
N THR B 289 -12.28 -18.74 -19.24
CA THR B 289 -11.83 -17.35 -19.40
C THR B 289 -10.63 -17.14 -18.48
N GLY B 290 -9.49 -16.75 -19.05
CA GLY B 290 -8.26 -16.55 -18.30
C GLY B 290 -8.22 -15.22 -17.57
N LYS B 291 -7.46 -15.19 -16.49
CA LYS B 291 -7.29 -13.99 -15.66
C LYS B 291 -5.91 -13.41 -15.88
N LEU B 292 -5.80 -12.07 -15.84
CA LEU B 292 -4.53 -11.36 -16.06
C LEU B 292 -4.17 -10.54 -14.86
N ALA B 293 -2.86 -10.34 -14.59
CA ALA B 293 -2.43 -9.51 -13.46
C ALA B 293 -0.93 -9.22 -13.52
N THR B 294 -0.55 -8.15 -12.79
CA THR B 294 0.84 -7.76 -12.65
C THR B 294 1.15 -7.91 -11.15
N LEU B 295 2.19 -8.68 -10.83
CA LEU B 295 2.58 -8.83 -9.42
C LEU B 295 4.04 -8.37 -9.27
N ARG B 296 4.24 -7.37 -8.40
CA ARG B 296 5.53 -6.74 -8.17
C ARG B 296 6.00 -7.08 -6.76
N LEU B 297 7.26 -7.50 -6.63
CA LEU B 297 7.87 -7.82 -5.33
C LEU B 297 9.05 -6.91 -5.10
N THR B 298 9.25 -6.48 -3.85
CA THR B 298 10.43 -5.67 -3.52
C THR B 298 11.60 -6.62 -3.30
N THR B 299 11.31 -7.85 -2.87
CA THR B 299 12.34 -8.84 -2.51
C THR B 299 12.20 -10.11 -3.37
N TRP B 300 13.30 -10.57 -3.98
CA TRP B 300 13.28 -11.81 -4.79
C TRP B 300 14.11 -12.96 -4.19
N HIS B 301 14.83 -12.71 -3.08
CA HIS B 301 15.67 -13.75 -2.49
C HIS B 301 15.65 -13.74 -0.98
N VAL B 302 16.06 -14.87 -0.39
CA VAL B 302 16.23 -15.05 1.06
C VAL B 302 17.71 -15.41 1.25
N GLY B 303 18.51 -14.41 1.65
CA GLY B 303 19.95 -14.55 1.87
C GLY B 303 20.61 -15.25 0.68
N GLY B 304 21.38 -16.30 0.96
CA GLY B 304 21.99 -17.11 -0.09
C GLY B 304 21.24 -18.41 -0.32
N GLN B 305 20.08 -18.57 0.33
CA GLN B 305 19.32 -19.82 0.29
C GLN B 305 18.37 -19.97 -0.86
N ALA B 306 17.64 -18.90 -1.23
CA ALA B 306 16.60 -19.08 -2.28
C ALA B 306 16.45 -17.85 -3.12
N VAL B 307 16.05 -18.02 -4.37
CA VAL B 307 15.83 -16.90 -5.28
C VAL B 307 14.67 -17.24 -6.23
N LEU B 308 13.96 -16.20 -6.67
CA LEU B 308 12.89 -16.36 -7.67
C LEU B 308 13.36 -15.81 -9.02
N LEU B 309 12.81 -16.36 -10.10
CA LEU B 309 13.04 -15.82 -11.45
C LEU B 309 11.86 -16.13 -12.35
N GLY B 310 11.78 -15.45 -13.47
CA GLY B 310 10.68 -15.63 -14.41
C GLY B 310 9.34 -15.19 -13.81
N ASP B 311 8.27 -15.89 -14.16
CA ASP B 311 6.92 -15.59 -13.66
C ASP B 311 6.81 -15.73 -12.13
N ALA B 312 7.67 -16.56 -11.49
CA ALA B 312 7.66 -16.67 -10.02
C ALA B 312 8.04 -15.34 -9.37
N ALA B 313 8.93 -14.58 -10.05
CA ALA B 313 9.40 -13.28 -9.54
C ALA B 313 8.56 -12.10 -10.01
N HIS B 314 8.07 -12.13 -11.26
CA HIS B 314 7.39 -10.94 -11.80
C HIS B 314 6.27 -11.24 -12.80
N PRO B 315 5.14 -11.84 -12.33
CA PRO B 315 3.99 -12.01 -13.24
C PRO B 315 3.64 -10.69 -13.95
N MET B 316 3.40 -10.75 -15.25
CA MET B 316 3.11 -9.55 -16.03
C MET B 316 1.94 -9.84 -16.98
N VAL B 317 1.33 -8.77 -17.50
CA VAL B 317 0.25 -8.89 -18.50
C VAL B 317 0.91 -9.34 -19.80
N PRO B 318 0.24 -10.14 -20.65
CA PRO B 318 0.94 -10.68 -21.84
C PRO B 318 0.97 -9.75 -23.07
N PHE B 319 0.56 -8.47 -22.89
CA PHE B 319 0.36 -7.55 -24.01
C PHE B 319 1.61 -7.17 -24.81
N HIS B 320 2.82 -7.49 -24.31
CA HIS B 320 4.03 -7.23 -25.10
C HIS B 320 4.68 -8.53 -25.65
N GLY B 321 4.14 -9.71 -25.27
CA GLY B 321 4.74 -10.99 -25.70
C GLY B 321 6.20 -11.07 -25.27
N GLN B 322 6.47 -10.70 -24.01
CA GLN B 322 7.80 -10.63 -23.46
C GLN B 322 8.03 -11.46 -22.17
N GLY B 323 7.00 -12.09 -21.62
CA GLY B 323 7.14 -12.88 -20.38
C GLY B 323 8.17 -14.00 -20.47
N MET B 324 8.05 -14.85 -21.50
CA MET B 324 9.02 -15.93 -21.74
CA MET B 324 9.01 -15.93 -21.74
C MET B 324 10.39 -15.30 -22.09
N ASN B 325 10.40 -14.25 -22.97
CA ASN B 325 11.66 -13.59 -23.37
C ASN B 325 12.41 -13.09 -22.14
N CYS B 326 11.67 -12.44 -21.23
CA CYS B 326 12.20 -11.92 -19.97
C CYS B 326 12.68 -13.08 -19.08
N ALA B 327 11.88 -14.18 -18.98
CA ALA B 327 12.23 -15.32 -18.11
C ALA B 327 13.56 -15.96 -18.59
N LEU B 328 13.74 -16.08 -19.93
CA LEU B 328 14.97 -16.65 -20.47
C LEU B 328 16.16 -15.72 -20.25
N GLU B 329 15.93 -14.42 -20.37
CA GLU B 329 16.94 -13.40 -20.08
C GLU B 329 17.33 -13.51 -18.56
N ASP B 330 16.32 -13.71 -17.67
CA ASP B 330 16.58 -13.87 -16.22
C ASP B 330 17.46 -15.10 -15.99
N ALA B 331 17.15 -16.21 -16.68
CA ALA B 331 17.90 -17.47 -16.51
C ALA B 331 19.39 -17.25 -16.80
N VAL B 332 19.70 -16.57 -17.91
CA VAL B 332 21.09 -16.27 -18.30
C VAL B 332 21.77 -15.45 -17.21
N ALA B 333 21.11 -14.37 -16.77
CA ALA B 333 21.64 -13.47 -15.74
C ALA B 333 21.89 -14.21 -14.42
N LEU B 334 20.93 -15.06 -14.01
CA LEU B 334 21.08 -15.82 -12.77
C LEU B 334 22.27 -16.79 -12.85
N ALA B 335 22.39 -17.53 -13.96
CA ALA B 335 23.49 -18.48 -14.13
C ALA B 335 24.82 -17.75 -14.13
N GLU B 336 24.91 -16.58 -14.77
CA GLU B 336 26.13 -15.78 -14.83
C GLU B 336 26.57 -15.30 -13.44
N HIS B 337 25.61 -14.79 -12.65
CA HIS B 337 25.89 -14.29 -11.28
C HIS B 337 26.32 -15.43 -10.38
N LEU B 338 25.58 -16.56 -10.41
CA LEU B 338 25.91 -17.72 -9.58
C LEU B 338 27.28 -18.30 -9.92
N GLN B 339 27.61 -18.38 -11.20
CA GLN B 339 28.89 -18.92 -11.63
C GLN B 339 30.12 -18.15 -11.13
N SER B 340 30.05 -16.80 -11.16
CA SER B 340 31.18 -15.91 -10.88
CA SER B 340 31.20 -15.96 -10.86
C SER B 340 31.19 -15.18 -9.53
N ALA B 341 30.19 -15.36 -8.69
CA ALA B 341 30.16 -14.60 -7.43
C ALA B 341 31.08 -15.15 -6.35
N ALA B 342 31.35 -14.35 -5.28
CA ALA B 342 32.20 -14.79 -4.16
C ALA B 342 31.47 -15.91 -3.38
N ASP B 343 30.11 -15.83 -3.34
CA ASP B 343 29.26 -16.80 -2.63
C ASP B 343 27.83 -16.65 -3.13
N ASN B 344 26.96 -17.60 -2.80
CA ASN B 344 25.55 -17.57 -3.24
C ASN B 344 24.82 -16.33 -2.78
N ALA B 345 25.01 -15.90 -1.50
CA ALA B 345 24.35 -14.70 -0.96
C ALA B 345 24.68 -13.45 -1.82
N SER B 346 25.97 -13.28 -2.17
CA SER B 346 26.41 -12.15 -3.03
C SER B 346 25.80 -12.28 -4.42
N ALA B 347 25.76 -13.49 -5.01
CA ALA B 347 25.18 -13.73 -6.34
C ALA B 347 23.69 -13.34 -6.37
N LEU B 348 22.91 -13.77 -5.36
CA LEU B 348 21.47 -13.52 -5.34
C LEU B 348 21.14 -12.04 -5.16
N ALA B 349 21.87 -11.35 -4.28
CA ALA B 349 21.69 -9.92 -4.06
C ALA B 349 22.05 -9.16 -5.36
N ALA B 350 23.15 -9.54 -6.04
CA ALA B 350 23.56 -8.88 -7.29
C ALA B 350 22.57 -9.18 -8.45
N PHE B 351 22.09 -10.41 -8.56
CA PHE B 351 21.10 -10.78 -9.58
C PHE B 351 19.82 -9.96 -9.40
N THR B 352 19.32 -9.87 -8.15
CA THR B 352 18.10 -9.13 -7.82
C THR B 352 18.27 -7.63 -8.14
N ALA B 353 19.40 -7.02 -7.72
CA ALA B 353 19.66 -5.60 -7.95
C ALA B 353 19.72 -5.30 -9.44
N GLN B 354 20.32 -6.19 -10.24
CA GLN B 354 20.41 -5.99 -11.69
C GLN B 354 19.05 -6.15 -12.39
N ARG B 355 18.31 -7.21 -12.06
CA ARG B 355 17.09 -7.56 -12.79
C ARG B 355 15.80 -6.85 -12.36
N GLN B 356 15.64 -6.54 -11.07
CA GLN B 356 14.43 -5.88 -10.59
C GLN B 356 14.01 -4.62 -11.38
N PRO B 357 14.90 -3.62 -11.67
CA PRO B 357 14.46 -2.44 -12.43
C PRO B 357 14.02 -2.81 -13.85
N ASP B 358 14.65 -3.83 -14.46
CA ASP B 358 14.28 -4.28 -15.80
C ASP B 358 12.95 -5.01 -15.80
N ALA B 359 12.68 -5.86 -14.78
CA ALA B 359 11.39 -6.55 -14.67
C ALA B 359 10.26 -5.48 -14.47
N LEU B 360 10.50 -4.46 -13.61
CA LEU B 360 9.50 -3.39 -13.42
C LEU B 360 9.22 -2.68 -14.72
N ALA B 361 10.29 -2.44 -15.51
CA ALA B 361 10.17 -1.73 -16.79
C ALA B 361 9.33 -2.50 -17.82
N ILE B 362 9.59 -3.80 -17.98
CA ILE B 362 8.79 -4.58 -18.92
C ILE B 362 7.34 -4.77 -18.41
N GLN B 363 7.14 -4.86 -17.09
CA GLN B 363 5.78 -4.95 -16.56
C GLN B 363 4.99 -3.67 -16.96
N ALA B 364 5.62 -2.47 -16.82
CA ALA B 364 5.00 -1.18 -17.13
C ALA B 364 4.79 -1.02 -18.64
N MET B 365 5.79 -1.43 -19.44
CA MET B 365 5.71 -1.36 -20.91
C MET B 365 4.67 -2.31 -21.47
N ALA B 366 4.51 -3.53 -20.86
CA ALA B 366 3.48 -4.45 -21.33
C ALA B 366 2.08 -3.88 -21.08
N LEU B 367 1.83 -3.26 -19.92
CA LEU B 367 0.55 -2.61 -19.61
C LEU B 367 0.25 -1.50 -20.65
N GLU B 368 1.25 -0.65 -20.97
CA GLU B 368 1.14 0.44 -21.95
C GLU B 368 0.89 -0.08 -23.37
N ASN B 369 1.49 -1.27 -23.70
CA ASN B 369 1.36 -1.79 -25.05
C ASN B 369 -0.09 -2.21 -25.41
N TYR B 370 -0.96 -2.41 -24.41
CA TYR B 370 -2.36 -2.73 -24.70
C TYR B 370 -3.00 -1.58 -25.48
N VAL B 371 -2.81 -0.34 -24.99
CA VAL B 371 -3.37 0.86 -25.62
C VAL B 371 -2.76 1.05 -27.00
N GLU B 372 -1.45 0.76 -27.12
CA GLU B 372 -0.72 0.87 -28.38
C GLU B 372 -1.34 -0.04 -29.45
N MET B 373 -1.57 -1.32 -29.13
CA MET B 373 -2.13 -2.29 -30.07
C MET B 373 -3.63 -2.06 -30.36
N SER B 374 -4.41 -1.72 -29.33
CA SER B 374 -5.86 -1.67 -29.48
C SER B 374 -6.48 -0.29 -29.72
N SER B 375 -5.85 0.80 -29.29
CA SER B 375 -6.44 2.13 -29.45
C SER B 375 -5.61 3.06 -30.32
N LYS B 376 -4.29 3.07 -30.13
CA LYS B 376 -3.38 3.99 -30.82
C LYS B 376 -3.20 3.69 -32.31
N VAL B 377 -3.05 2.41 -32.73
CA VAL B 377 -2.84 1.99 -34.13
C VAL B 377 -3.74 2.68 -35.17
N ALA B 378 -4.97 3.08 -34.79
CA ALA B 378 -5.95 3.70 -35.69
C ALA B 378 -6.12 5.22 -35.52
N SER B 379 -5.54 5.80 -34.44
CA SER B 379 -5.59 7.23 -34.10
C SER B 379 -4.96 8.14 -35.20
N PRO B 380 -5.49 9.38 -35.44
CA PRO B 380 -4.87 10.25 -36.47
C PRO B 380 -3.49 10.80 -36.09
N THR B 381 -3.29 11.15 -34.79
CA THR B 381 -2.04 11.70 -34.28
C THR B 381 -0.90 10.65 -34.22
N TYR B 382 -1.25 9.37 -33.91
CA TYR B 382 -0.31 8.25 -33.81
C TYR B 382 0.48 8.02 -35.09
N LEU B 383 -0.21 8.07 -36.25
CA LEU B 383 0.39 7.82 -37.56
C LEU B 383 1.43 8.88 -37.92
N LEU B 384 1.15 10.15 -37.60
CA LEU B 384 2.05 11.29 -37.82
C LEU B 384 3.30 11.13 -36.93
N GLU B 385 3.08 10.73 -35.66
CA GLU B 385 4.14 10.46 -34.68
C GLU B 385 5.03 9.33 -35.17
N ARG B 386 4.43 8.22 -35.66
CA ARG B 386 5.13 7.06 -36.20
C ARG B 386 5.96 7.46 -37.43
N GLU B 387 5.37 8.28 -38.33
CA GLU B 387 6.01 8.79 -39.54
C GLU B 387 7.24 9.63 -39.18
N LEU B 388 7.07 10.55 -38.19
CA LEU B 388 8.15 11.41 -37.73
C LEU B 388 9.24 10.57 -37.05
N GLY B 389 8.84 9.58 -36.28
CA GLY B 389 9.72 8.64 -35.59
C GLY B 389 10.63 7.88 -36.55
N GLN B 390 10.07 7.50 -37.72
CA GLN B 390 10.80 6.79 -38.79
C GLN B 390 11.91 7.64 -39.40
N ILE B 391 11.62 8.95 -39.67
CA ILE B 391 12.57 9.92 -40.21
C ILE B 391 13.70 10.14 -39.19
N MET B 392 13.34 10.25 -37.90
CA MET B 392 14.32 10.45 -36.84
C MET B 392 15.26 9.24 -36.77
N ALA B 393 14.70 8.02 -36.89
CA ALA B 393 15.45 6.76 -36.90
C ALA B 393 16.38 6.68 -38.11
N GLN B 394 15.96 7.25 -39.26
CA GLN B 394 16.73 7.30 -40.50
C GLN B 394 17.89 8.29 -40.37
N ARG B 395 17.63 9.48 -39.77
CA ARG B 395 18.64 10.52 -39.59
C ARG B 395 19.66 10.25 -38.48
N GLN B 396 19.22 9.66 -37.35
CA GLN B 396 20.08 9.38 -36.20
C GLN B 396 19.84 7.90 -35.75
N PRO B 397 20.27 6.88 -36.55
CA PRO B 397 19.97 5.47 -36.21
C PRO B 397 20.55 4.92 -34.91
N THR B 398 21.56 5.57 -34.36
CA THR B 398 22.16 5.12 -33.09
C THR B 398 21.57 5.91 -31.90
N ARG B 399 20.66 6.88 -32.16
CA ARG B 399 20.04 7.73 -31.12
C ARG B 399 18.53 7.49 -31.02
N PHE B 400 17.81 7.59 -32.14
CA PHE B 400 16.37 7.39 -32.13
C PHE B 400 16.11 5.96 -32.60
N ILE B 401 15.69 5.10 -31.66
CA ILE B 401 15.34 3.70 -31.94
C ILE B 401 13.93 3.49 -31.34
N PRO B 402 12.88 3.24 -32.15
CA PRO B 402 11.51 3.09 -31.59
C PRO B 402 11.45 2.11 -30.43
N ARG B 403 10.70 2.45 -29.36
CA ARG B 403 10.61 1.59 -28.17
C ARG B 403 10.27 0.15 -28.48
N TYR B 404 9.31 -0.08 -29.41
CA TYR B 404 8.94 -1.43 -29.77
C TYR B 404 10.17 -2.20 -30.27
N SER B 405 11.03 -1.56 -31.08
CA SER B 405 12.27 -2.15 -31.56
C SER B 405 13.27 -2.39 -30.45
N MET B 406 13.45 -1.42 -29.52
CA MET B 406 14.38 -1.60 -28.41
C MET B 406 13.99 -2.81 -27.56
N VAL B 407 12.68 -2.96 -27.29
CA VAL B 407 12.18 -4.09 -26.48
C VAL B 407 12.29 -5.40 -27.25
N THR B 408 11.79 -5.40 -28.49
CA THR B 408 11.64 -6.63 -29.26
C THR B 408 12.91 -7.11 -30.00
N PHE B 409 13.66 -6.18 -30.61
CA PHE B 409 14.77 -6.57 -31.46
C PHE B 409 16.15 -6.24 -30.93
N SER B 410 16.25 -5.82 -29.66
CA SER B 410 17.55 -5.53 -29.06
C SER B 410 17.63 -6.12 -27.67
N ARG B 411 18.85 -6.13 -27.10
CA ARG B 411 19.10 -6.64 -25.75
C ARG B 411 19.38 -5.50 -24.77
N LEU B 412 19.05 -4.26 -25.18
CA LEU B 412 19.23 -3.11 -24.29
C LEU B 412 18.44 -3.39 -22.99
N PRO B 413 19.00 -3.16 -21.76
CA PRO B 413 18.20 -3.45 -20.55
C PRO B 413 16.82 -2.78 -20.64
N TYR B 414 15.74 -3.52 -20.30
CA TYR B 414 14.37 -2.99 -20.37
C TYR B 414 14.26 -1.60 -19.75
N ALA B 415 14.90 -1.37 -18.55
CA ALA B 415 14.83 -0.04 -17.90
C ALA B 415 15.39 1.07 -18.78
N GLN B 416 16.46 0.77 -19.54
CA GLN B 416 17.06 1.74 -20.47
C GLN B 416 16.14 1.98 -21.68
N ALA B 417 15.52 0.90 -22.22
CA ALA B 417 14.56 0.95 -23.33
C ALA B 417 13.38 1.83 -22.90
N MET B 418 12.88 1.66 -21.67
CA MET B 418 11.78 2.49 -21.20
C MET B 418 12.17 3.96 -21.01
N ALA B 419 13.35 4.24 -20.43
CA ALA B 419 13.81 5.63 -20.21
C ALA B 419 14.00 6.39 -21.54
N ARG B 420 14.65 5.72 -22.51
CA ARG B 420 14.88 6.31 -23.83
C ARG B 420 13.54 6.45 -24.57
N GLY B 421 12.65 5.45 -24.40
CA GLY B 421 11.31 5.49 -25.00
C GLY B 421 10.49 6.67 -24.52
N GLN B 422 10.61 7.02 -23.21
CA GLN B 422 9.91 8.18 -22.62
C GLN B 422 10.41 9.49 -23.21
N ILE B 423 11.73 9.64 -23.36
CA ILE B 423 12.33 10.83 -24.00
C ILE B 423 11.79 10.95 -25.45
N GLN B 424 11.77 9.83 -26.19
CA GLN B 424 11.29 9.81 -27.57
C GLN B 424 9.82 10.16 -27.68
N GLU B 425 8.98 9.58 -26.78
CA GLU B 425 7.54 9.83 -26.75
C GLU B 425 7.25 11.29 -26.51
N GLN B 426 7.96 11.92 -25.55
CA GLN B 426 7.78 13.35 -25.24
C GLN B 426 8.20 14.25 -26.41
N LEU B 427 9.34 13.90 -27.02
CA LEU B 427 9.94 14.59 -28.18
C LEU B 427 8.93 14.62 -29.36
N LEU B 428 8.35 13.45 -29.70
CA LEU B 428 7.38 13.33 -30.80
C LEU B 428 6.08 14.05 -30.51
N LYS B 429 5.54 13.89 -29.27
CA LYS B 429 4.31 14.52 -28.78
C LYS B 429 4.40 16.05 -28.91
N PHE B 430 5.49 16.66 -28.39
CA PHE B 430 5.67 18.11 -28.51
C PHE B 430 5.89 18.57 -29.94
N ALA B 431 6.62 17.78 -30.74
CA ALA B 431 6.88 18.11 -32.15
C ALA B 431 5.63 18.08 -33.05
N VAL B 432 4.73 17.08 -32.86
CA VAL B 432 3.52 16.98 -33.70
C VAL B 432 2.34 17.82 -33.19
N ALA B 433 2.35 18.21 -31.89
CA ALA B 433 1.27 19.03 -31.36
C ALA B 433 0.98 20.26 -32.20
N ASN B 434 -0.31 20.52 -32.46
CA ASN B 434 -0.80 21.69 -33.21
C ASN B 434 -0.39 21.69 -34.70
N HIS B 435 0.03 20.53 -35.23
CA HIS B 435 0.35 20.35 -36.65
C HIS B 435 -0.54 19.25 -37.24
N SER B 436 -1.13 19.52 -38.42
CA SER B 436 -2.01 18.59 -39.14
C SER B 436 -1.21 17.51 -39.85
N ASP B 437 -0.07 17.88 -40.49
CA ASP B 437 0.79 16.94 -41.22
C ASP B 437 2.28 17.27 -41.10
N LEU B 438 3.14 16.40 -41.65
CA LEU B 438 4.59 16.48 -41.63
C LEU B 438 5.21 17.70 -42.33
N THR B 439 4.52 18.25 -43.36
CA THR B 439 4.99 19.40 -44.14
C THR B 439 5.16 20.68 -43.29
N SER B 440 4.32 20.85 -42.26
CA SER B 440 4.39 22.00 -41.35
C SER B 440 5.42 21.80 -40.22
N ILE B 441 5.91 20.56 -40.03
CA ILE B 441 6.88 20.20 -38.99
C ILE B 441 8.32 20.45 -39.47
N ASN B 442 9.08 21.23 -38.67
CA ASN B 442 10.48 21.55 -38.91
C ASN B 442 11.29 20.32 -38.44
N LEU B 443 11.67 19.47 -39.39
CA LEU B 443 12.36 18.21 -39.09
C LEU B 443 13.73 18.39 -38.45
N ASP B 444 14.52 19.39 -38.89
CA ASP B 444 15.86 19.66 -38.35
C ASP B 444 15.80 20.09 -36.87
N ALA B 445 14.74 20.83 -36.49
CA ALA B 445 14.51 21.23 -35.09
C ALA B 445 14.22 19.99 -34.24
N VAL B 446 13.45 19.01 -34.79
CA VAL B 446 13.15 17.73 -34.13
C VAL B 446 14.45 16.91 -33.97
N GLU B 447 15.28 16.84 -35.05
CA GLU B 447 16.58 16.14 -35.05
C GLU B 447 17.57 16.77 -34.04
N HIS B 448 17.52 18.10 -33.89
CA HIS B 448 18.35 18.82 -32.92
C HIS B 448 17.97 18.39 -31.51
N GLU B 449 16.66 18.19 -31.26
CA GLU B 449 16.17 17.68 -29.96
C GLU B 449 16.69 16.25 -29.76
N VAL B 450 16.72 15.44 -30.84
CA VAL B 450 17.22 14.04 -30.78
C VAL B 450 18.70 14.02 -30.33
N THR B 451 19.56 14.83 -30.99
CA THR B 451 21.00 14.93 -30.67
C THR B 451 21.25 15.51 -29.28
N ARG B 452 20.37 16.40 -28.84
CA ARG B 452 20.45 17.07 -27.54
C ARG B 452 19.98 16.19 -26.38
N CYS B 453 18.95 15.35 -26.60
CA CYS B 453 18.34 14.55 -25.54
C CYS B 453 18.67 13.05 -25.56
N LEU B 454 19.15 12.51 -26.70
CA LEU B 454 19.42 11.07 -26.80
C LEU B 454 20.88 10.73 -27.11
N PRO B 455 21.68 10.30 -26.10
CA PRO B 455 23.08 9.92 -26.37
C PRO B 455 23.19 8.74 -27.33
N PRO B 456 24.23 8.68 -28.20
CA PRO B 456 24.32 7.55 -29.14
C PRO B 456 24.60 6.23 -28.43
N LEU B 457 24.07 5.13 -28.97
CA LEU B 457 24.25 3.78 -28.42
C LEU B 457 25.20 2.98 -29.30
PA FAD C . -12.46 13.05 30.52
O1A FAD C . -11.90 14.33 30.00
O2A FAD C . -11.54 12.14 31.34
O5B FAD C . -13.73 13.44 31.39
C5B FAD C . -14.41 12.40 32.13
C4B FAD C . -15.13 13.10 33.25
O4B FAD C . -15.98 12.15 33.93
C3B FAD C . -14.23 13.74 34.32
O3B FAD C . -14.64 15.08 34.62
C2B FAD C . -14.36 12.77 35.50
O2B FAD C . -14.16 13.39 36.76
C1B FAD C . -15.81 12.30 35.33
N9A FAD C . -16.15 11.04 35.96
C8A FAD C . -15.45 9.86 35.96
N7A FAD C . -16.06 8.87 36.55
C5A FAD C . -17.26 9.42 36.97
C6A FAD C . -18.38 8.88 37.64
N6A FAD C . -18.42 7.63 38.09
N1A FAD C . -19.43 9.70 37.87
C2A FAD C . -19.36 10.97 37.47
N3A FAD C . -18.36 11.60 36.82
C4A FAD C . -17.34 10.75 36.59
N1 FAD C . -5.82 14.22 23.86
C2 FAD C . -5.61 15.16 22.88
O2 FAD C . -6.42 15.32 21.96
N3 FAD C . -4.41 15.89 22.89
C4 FAD C . -3.35 15.70 23.77
O4 FAD C . -2.31 16.37 23.65
C4X FAD C . -3.57 14.70 24.77
N5 FAD C . -2.60 14.46 25.63
C5X FAD C . -2.80 13.45 26.56
C6 FAD C . -1.74 13.09 27.40
C7 FAD C . -1.88 12.06 28.32
C7M FAD C . -0.70 11.70 29.20
C8 FAD C . -3.11 11.36 28.42
C8M FAD C . -3.33 10.26 29.44
C9 FAD C . -4.16 11.71 27.58
C9A FAD C . -4.02 12.74 26.64
N10 FAD C . -5.03 13.05 25.72
C10 FAD C . -4.85 14.01 24.75
C1' FAD C . -6.33 12.35 25.80
C2' FAD C . -7.39 13.12 26.58
O2' FAD C . -6.93 13.48 27.88
C3' FAD C . -8.69 12.34 26.69
O3' FAD C . -8.94 11.58 25.49
C4' FAD C . -9.91 13.22 26.94
O4' FAD C . -9.77 13.93 28.18
C5' FAD C . -11.19 12.40 26.92
O5' FAD C . -12.29 13.32 27.18
P FAD C . -13.56 12.68 27.90
O1P FAD C . -14.53 13.79 28.08
O2P FAD C . -14.02 11.45 27.14
O3P FAD C . -13.02 12.20 29.31
CL CL D . -4.29 11.28 23.01
O3 JHY E . 0.28 16.18 18.18
C9 JHY E . 0.60 15.58 19.18
N JHY E . 1.43 14.52 19.34
C2 JHY E . 2.25 14.00 18.25
C1 JHY E . 3.49 14.84 18.05
C JHY E . 4.38 14.47 16.87
O1 JHY E . 4.20 13.37 16.28
O JHY E . 5.27 15.30 16.55
O2 JHY E . 0.10 15.94 20.42
C8 JHY E . 0.64 15.05 21.34
C3 JHY E . 1.49 14.19 20.68
C7 JHY E . 0.41 14.97 22.70
C6 JHY E . 1.04 13.97 23.39
CL1 JHY E . 0.71 13.77 25.08
C5 JHY E . 1.91 13.07 22.73
CL JHY E . 2.69 11.81 23.62
C4 JHY E . 2.15 13.18 21.37
C1 GOL F . -12.55 17.13 33.61
O1 GOL F . -12.66 17.16 35.02
C2 GOL F . -11.11 17.16 33.12
O2 GOL F . -10.37 16.07 33.71
C3 GOL F . -11.16 17.02 31.62
O3 GOL F . -10.16 16.14 31.11
C1 GOL G . -4.81 7.15 29.01
O1 GOL G . -5.82 7.70 29.87
C2 GOL G . -5.30 5.92 28.29
O2 GOL G . -4.22 5.39 27.49
C3 GOL G . -5.76 4.87 29.28
O3 GOL G . -6.64 3.93 28.67
C1 GOL H . 5.93 14.37 10.78
O1 GOL H . 5.26 13.18 11.14
C2 GOL H . 5.31 15.57 11.45
O2 GOL H . 5.28 15.35 12.87
C3 GOL H . 6.10 16.81 11.15
O3 GOL H . 5.89 17.25 9.81
C1 GOL I . -24.00 19.72 16.33
O1 GOL I . -23.65 18.43 16.80
C2 GOL I . -25.19 20.29 17.07
O2 GOL I . -26.21 19.30 17.19
C3 GOL I . -25.72 21.44 16.25
O3 GOL I . -24.87 22.57 16.32
PA FAD J . 6.33 -21.39 -16.57
O1A FAD J . 6.65 -21.52 -18.01
O2A FAD J . 4.87 -21.22 -16.15
O5B FAD J . 6.92 -22.72 -15.84
C5B FAD J . 6.66 -22.94 -14.44
C4B FAD J . 6.80 -24.42 -14.22
O4B FAD J . 6.72 -24.68 -12.80
C3B FAD J . 5.74 -25.29 -14.88
O3B FAD J . 6.34 -26.39 -15.58
C2B FAD J . 4.83 -25.70 -13.70
O2B FAD J . 4.19 -26.95 -13.90
C1B FAD J . 5.87 -25.79 -12.58
N9A FAD J . 5.34 -25.70 -11.22
C8A FAD J . 4.39 -24.84 -10.73
N7A FAD J . 4.17 -24.95 -9.45
C5A FAD J . 5.04 -25.96 -9.05
C6A FAD J . 5.31 -26.55 -7.80
N6A FAD J . 4.68 -26.23 -6.67
N1A FAD J . 6.26 -27.53 -7.75
C2A FAD J . 6.86 -27.90 -8.88
N3A FAD J . 6.69 -27.42 -10.12
C4A FAD J . 5.76 -26.44 -10.13
N1 FAD J . 5.62 -14.72 -23.31
C2 FAD J . 6.37 -14.37 -24.43
O2 FAD J . 7.57 -14.04 -24.34
N3 FAD J . 5.74 -14.33 -25.68
C4 FAD J . 4.40 -14.57 -25.92
O4 FAD J . 3.93 -14.45 -27.04
C4X FAD J . 3.61 -14.90 -24.73
N5 FAD J . 2.32 -15.07 -24.86
C5X FAD J . 1.57 -15.31 -23.72
C6 FAD J . 0.17 -15.37 -23.83
C7 FAD J . -0.64 -15.58 -22.72
C7M FAD J . -2.15 -15.62 -22.90
C8 FAD J . -0.05 -15.73 -21.45
C8M FAD J . -0.89 -16.01 -20.23
C9 FAD J . 1.33 -15.65 -21.33
C9A FAD J . 2.16 -15.43 -22.45
N10 FAD J . 3.58 -15.27 -22.35
C10 FAD J . 4.33 -14.98 -23.46
C1' FAD J . 4.22 -15.35 -21.03
C2' FAD J . 4.85 -16.72 -20.75
O2' FAD J . 3.88 -17.75 -20.91
C3' FAD J . 5.47 -16.80 -19.35
O3' FAD J . 6.08 -15.55 -18.99
C4' FAD J . 6.54 -17.88 -19.23
O4' FAD J . 5.96 -19.18 -19.49
C5' FAD J . 7.21 -17.86 -17.88
O5' FAD J . 8.19 -18.91 -17.89
P FAD J . 8.52 -19.54 -16.44
O1P FAD J . 9.53 -20.62 -16.65
O2P FAD J . 8.89 -18.44 -15.48
O3P FAD J . 7.14 -20.19 -15.93
CL CL K . 3.98 -11.93 -22.06
O3 JHY L . 4.95 -9.81 -29.93
C9 JHY L . 3.95 -10.03 -29.29
N JHY L . 3.03 -9.15 -28.79
C2 JHY L . 3.07 -7.70 -29.08
C1 JHY L . 2.42 -7.39 -30.41
C JHY L . 2.51 -5.95 -30.88
O1 JHY L . 2.33 -5.72 -32.09
O JHY L . 2.75 -5.05 -30.03
O2 JHY L . 3.55 -11.30 -28.94
C8 JHY L . 2.35 -11.19 -28.28
C3 JHY L . 2.00 -9.86 -28.18
C7 JHY L . 1.55 -12.18 -27.74
C6 JHY L . 0.40 -11.79 -27.11
CL1 JHY L . -0.63 -12.99 -26.40
C5 JHY L . 0.04 -10.44 -27.02
CL JHY L . -1.43 -9.98 -26.23
C4 JHY L . 0.85 -9.44 -27.55
C1 GOL M . 6.00 -26.40 -18.91
O1 GOL M . 5.31 -27.18 -17.94
C2 GOL M . 5.45 -24.99 -18.95
O2 GOL M . 4.06 -25.01 -19.28
C3 GOL M . 6.19 -24.21 -20.01
O3 GOL M . 5.71 -22.87 -20.08
C1 GOL N . -0.75 -13.99 -17.34
O1 GOL N . -0.26 -15.27 -16.97
C2 GOL N . -1.01 -13.11 -16.13
O2 GOL N . -1.09 -11.75 -16.55
C3 GOL N . 0.07 -13.27 -15.07
O3 GOL N . -0.30 -12.64 -13.84
C1 GOL O . 6.07 -1.87 -34.83
O1 GOL O . 5.67 -0.90 -33.88
C2 GOL O . 4.86 -2.64 -35.32
O2 GOL O . 4.34 -3.41 -34.22
C3 GOL O . 5.15 -3.55 -36.49
O3 GOL O . 5.83 -2.88 -37.55
C1 GOL P . 25.34 -17.92 -19.12
O1 GOL P . 24.30 -17.64 -18.20
C2 GOL P . 26.09 -19.17 -18.73
O2 GOL P . 26.49 -19.11 -17.36
C3 GOL P . 27.33 -19.28 -19.60
O3 GOL P . 26.98 -19.50 -20.97
#